data_6S4A
#
_entry.id   6S4A
#
_cell.length_a   115.068
_cell.length_b   115.068
_cell.length_c   113.549
_cell.angle_alpha   90.00
_cell.angle_beta   90.00
_cell.angle_gamma   120.00
#
_symmetry.space_group_name_H-M   'P 65'
#
loop_
_entity.id
_entity.type
_entity.pdbx_description
1 polymer 'Bifunctional methylenetetrahydrofolate dehydrogenase/cyclohydrolase, mitochondrial'
2 non-polymer '(2~{S})-2-[[5-[[2,4-bis(azanyl)-6-oxidanylidene-5~{H}-pyrimidin-5-yl]carbamoylamino]pyridin-2-yl]carbonylamino]-4-(1~{H}-1,2,3,4-tetrazol-5-yl)butanoic acid'
3 non-polymer 'PHOSPHATE ION'
4 non-polymer NICOTINAMIDE-ADENINE-DINUCLEOTIDE
5 non-polymer (4S)-2-METHYL-2,4-PENTANEDIOL
6 water water
#
_entity_poly.entity_id   1
_entity_poly.type   'polypeptide(L)'
_entity_poly.pdbx_seq_one_letter_code
;MEAVVISGRKLAQQIKQEVRQEVEEWVASGNKRPHLSVILVGENPASHSYVLNKTRAAAVVGINSETIMKPASISEEELL
NLINKLNNDDNVDGLLVQLPLPEHIDERRICNAVSPDKDVDGFHVINVGRMCLDQYSMLPATPWGVWEIIKRTGIPTLGK
NVVVAGRSKNVGMPIAMLLHTDGAHERPGGDATVTISHRYTPKEQLKKHTILADIVISAAGIPNLITADMIKEGAAVIDV
GINRVHDPVTAKPKLVGDVDFEGVRQKAGYITPVPGGVGPMTVAMLMKNTIIAAKKVLRLEEREVLKSKELGVATN
;
_entity_poly.pdbx_strand_id   A,B
#
loop_
_chem_comp.id
_chem_comp.type
_chem_comp.name
_chem_comp.formula
KUK non-polymer '(2~{S})-2-[[5-[[2,4-bis(azanyl)-6-oxidanylidene-5~{H}-pyrimidin-5-yl]carbamoylamino]pyridin-2-yl]carbonylamino]-4-(1~{H}-1,2,3,4-tetrazol-5-yl)butanoic acid' 'C16 H18 N12 O5'
MPD non-polymer (4S)-2-METHYL-2,4-PENTANEDIOL 'C6 H14 O2'
NAD non-polymer NICOTINAMIDE-ADENINE-DINUCLEOTIDE 'C21 H27 N7 O14 P2'
PO4 non-polymer 'PHOSPHATE ION' 'O4 P -3'
#
# COMPACT_ATOMS: atom_id res chain seq x y z
N MET A 1 34.64 -7.30 11.83
CA MET A 1 33.21 -6.94 11.62
C MET A 1 32.54 -6.56 12.94
N GLU A 2 32.49 -5.26 13.21
CA GLU A 2 31.61 -4.71 14.24
C GLU A 2 30.78 -3.57 13.63
N ALA A 3 29.49 -3.55 13.93
CA ALA A 3 28.55 -2.61 13.31
C ALA A 3 28.85 -1.17 13.67
N VAL A 4 28.83 -0.31 12.67
CA VAL A 4 28.63 1.12 12.88
C VAL A 4 27.26 1.35 13.55
N VAL A 5 27.26 2.05 14.68
CA VAL A 5 26.02 2.41 15.41
C VAL A 5 25.59 3.77 14.89
N ILE A 6 24.42 3.83 14.27
CA ILE A 6 23.92 5.08 13.68
C ILE A 6 23.19 5.80 14.79
N SER A 7 23.63 7.01 15.12
CA SER A 7 22.95 7.75 16.14
C SER A 7 21.79 8.49 15.51
N GLY A 8 20.59 7.96 15.71
CA GLY A 8 19.37 8.68 15.31
C GLY A 8 19.20 10.00 15.99
N ARG A 9 19.61 10.06 17.26
CA ARG A 9 19.55 11.32 18.00
C ARG A 9 20.33 12.47 17.33
N LYS A 10 21.56 12.17 16.99
CA LYS A 10 22.47 13.14 16.38
C LYS A 10 21.98 13.60 15.00
N LEU A 11 21.59 12.64 14.16
CA LEU A 11 21.01 12.95 12.85
C LEU A 11 19.74 13.79 12.96
N ALA A 12 18.87 13.45 13.92
CA ALA A 12 17.65 14.25 14.18
C ALA A 12 17.96 15.67 14.61
N GLN A 13 18.96 15.81 15.49
CA GLN A 13 19.38 17.17 15.97
C GLN A 13 19.89 18.02 14.79
N GLN A 14 20.66 17.41 13.92
CA GLN A 14 21.05 18.11 12.69
C GLN A 14 19.86 18.55 11.80
N ILE A 15 18.90 17.65 11.59
CA ILE A 15 17.71 18.01 10.78
C ILE A 15 16.92 19.10 11.44
N LYS A 16 16.82 19.05 12.77
CA LYS A 16 16.13 20.12 13.49
C LYS A 16 16.82 21.48 13.29
N GLN A 17 18.16 21.49 13.22
CA GLN A 17 18.88 22.77 12.96
C GLN A 17 18.53 23.27 11.57
N GLU A 18 18.44 22.36 10.60
CA GLU A 18 17.97 22.72 9.20
C GLU A 18 16.59 23.33 9.19
N VAL A 19 15.69 22.76 9.99
CA VAL A 19 14.32 23.25 10.06
C VAL A 19 14.32 24.60 10.76
N ARG A 20 15.06 24.71 11.87
CA ARG A 20 15.19 26.03 12.56
C ARG A 20 15.56 27.21 11.62
N GLN A 21 16.57 26.98 10.78
CA GLN A 21 17.06 28.00 9.79
C GLN A 21 15.96 28.37 8.83
N GLU A 22 15.26 27.35 8.39
CA GLU A 22 14.17 27.55 7.46
C GLU A 22 13.00 28.34 8.11
N VAL A 23 12.68 27.99 9.34
CA VAL A 23 11.59 28.67 10.02
C VAL A 23 12.00 30.12 10.23
N GLU A 24 13.21 30.32 10.70
CA GLU A 24 13.67 31.69 11.05
C GLU A 24 13.74 32.63 9.84
N GLU A 25 14.14 32.11 8.70
CA GLU A 25 14.06 32.82 7.43
C GLU A 25 12.66 33.06 6.98
N TRP A 26 11.79 32.05 7.12
CA TRP A 26 10.36 32.25 6.83
C TRP A 26 9.74 33.39 7.65
N VAL A 27 10.10 33.46 8.92
CA VAL A 27 9.57 34.50 9.78
C VAL A 27 10.18 35.87 9.40
N ALA A 28 11.50 35.88 9.21
CA ALA A 28 12.22 37.11 8.80
C ALA A 28 11.71 37.67 7.46
N SER A 29 11.19 36.82 6.58
CA SER A 29 10.54 37.28 5.34
C SER A 29 9.16 37.90 5.55
N GLY A 30 8.69 37.98 6.80
CA GLY A 30 7.40 38.57 7.10
C GLY A 30 6.26 37.60 7.29
N ASN A 31 6.52 36.28 7.35
CA ASN A 31 5.45 35.30 7.50
C ASN A 31 5.14 35.04 8.97
N LYS A 32 3.92 34.57 9.23
CA LYS A 32 3.49 34.11 10.55
C LYS A 32 4.39 32.99 11.02
N ARG A 33 4.83 33.06 12.28
CA ARG A 33 5.55 31.96 12.88
C ARG A 33 4.62 30.70 12.83
N PRO A 34 5.16 29.53 12.38
CA PRO A 34 4.34 28.32 12.33
C PRO A 34 3.88 27.88 13.74
N HIS A 35 2.68 27.31 13.82
CA HIS A 35 2.09 26.75 15.04
C HIS A 35 1.60 25.30 14.80
N LEU A 36 2.12 24.38 15.59
CA LEU A 36 1.64 23.01 15.71
C LEU A 36 0.72 22.78 16.95
N SER A 37 -0.49 22.26 16.70
CA SER A 37 -1.39 21.77 17.76
C SER A 37 -1.41 20.26 17.79
N VAL A 38 -1.12 19.70 18.98
CA VAL A 38 -1.18 18.25 19.23
C VAL A 38 -2.33 17.97 20.19
N ILE A 39 -3.20 17.03 19.81
CA ILE A 39 -4.31 16.57 20.68
C ILE A 39 -3.88 15.25 21.27
N LEU A 40 -3.89 15.18 22.61
CA LEU A 40 -3.53 13.97 23.34
C LEU A 40 -4.77 13.50 24.19
N VAL A 41 -5.20 12.27 23.98
CA VAL A 41 -6.39 11.69 24.64
C VAL A 41 -5.96 10.61 25.62
N GLY A 42 -6.37 10.70 26.87
CA GLY A 42 -6.08 9.64 27.87
C GLY A 42 -4.72 9.72 28.46
N GLU A 43 -4.22 8.61 28.99
CA GLU A 43 -3.04 8.59 29.83
C GLU A 43 -2.08 7.49 29.45
N ASN A 44 -1.96 7.18 28.17
CA ASN A 44 -0.95 6.20 27.76
C ASN A 44 0.45 6.82 28.03
N PRO A 45 1.29 6.16 28.85
CA PRO A 45 2.52 6.85 29.18
C PRO A 45 3.50 7.04 27.98
N ALA A 46 3.55 6.07 27.08
CA ALA A 46 4.33 6.21 25.88
C ALA A 46 3.87 7.43 25.10
N SER A 47 2.56 7.59 24.94
CA SER A 47 2.05 8.74 24.21
C SER A 47 2.46 10.07 24.86
N HIS A 48 2.38 10.13 26.19
CA HIS A 48 2.74 11.37 26.90
C HIS A 48 4.23 11.73 26.67
N SER A 49 5.10 10.75 26.72
CA SER A 49 6.49 10.96 26.47
C SER A 49 6.78 11.40 25.04
N TYR A 50 6.12 10.77 24.06
CA TYR A 50 6.42 11.07 22.66
C TYR A 50 5.92 12.45 22.41
N VAL A 51 4.75 12.79 22.96
CA VAL A 51 4.23 14.12 22.68
C VAL A 51 5.08 15.21 23.33
N LEU A 52 5.62 14.96 24.51
CA LEU A 52 6.50 15.93 25.19
C LEU A 52 7.75 16.18 24.33
N ASN A 53 8.31 15.10 23.76
CA ASN A 53 9.39 15.24 22.83
C ASN A 53 9.10 16.03 21.56
N LYS A 54 7.88 15.90 21.01
CA LYS A 54 7.41 16.72 19.87
C LYS A 54 7.36 18.21 20.20
N THR A 55 6.77 18.55 21.35
CA THR A 55 6.69 19.96 21.79
C THR A 55 8.04 20.59 22.20
N ARG A 56 8.94 19.81 22.80
CA ARG A 56 10.31 20.24 23.05
C ARG A 56 11.01 20.52 21.72
N ALA A 57 10.80 19.66 20.72
CA ALA A 57 11.45 19.86 19.43
C ALA A 57 10.88 21.07 18.70
N ALA A 58 9.59 21.29 18.79
CA ALA A 58 9.01 22.48 18.19
C ALA A 58 9.65 23.79 18.79
N ALA A 59 9.75 23.86 20.11
CA ALA A 59 10.45 24.97 20.77
C ALA A 59 11.91 25.14 20.25
N VAL A 60 12.67 24.07 20.16
CA VAL A 60 14.02 24.10 19.59
C VAL A 60 14.06 24.71 18.17
N VAL A 61 13.07 24.43 17.30
CA VAL A 61 13.13 24.89 15.90
C VAL A 61 12.35 26.17 15.64
N GLY A 62 11.85 26.79 16.70
CA GLY A 62 11.05 28.02 16.57
C GLY A 62 9.63 27.89 16.09
N ILE A 63 9.03 26.71 16.31
CA ILE A 63 7.64 26.53 15.99
C ILE A 63 6.87 26.63 17.30
N ASN A 64 5.84 27.44 17.28
CA ASN A 64 4.92 27.56 18.38
C ASN A 64 4.13 26.23 18.48
N SER A 65 3.80 25.81 19.70
CA SER A 65 3.03 24.60 19.89
C SER A 65 2.12 24.68 21.07
N GLU A 66 1.09 23.85 21.04
CA GLU A 66 0.26 23.54 22.23
C GLU A 66 -0.09 22.05 22.21
N THR A 67 -0.13 21.45 23.39
CA THR A 67 -0.65 20.10 23.55
C THR A 67 -1.99 20.26 24.22
N ILE A 68 -3.05 19.75 23.59
CA ILE A 68 -4.35 19.77 24.18
C ILE A 68 -4.70 18.38 24.68
N MET A 69 -4.80 18.26 25.99
CA MET A 69 -5.03 16.96 26.65
C MET A 69 -6.48 16.85 27.08
N LYS A 70 -7.10 15.73 26.70
CA LYS A 70 -8.51 15.44 26.97
C LYS A 70 -8.56 14.10 27.67
N PRO A 71 -9.60 13.87 28.51
CA PRO A 71 -9.79 12.52 29.09
C PRO A 71 -10.20 11.49 28.05
N ALA A 72 -9.77 10.25 28.31
CA ALA A 72 -10.14 9.09 27.52
C ALA A 72 -11.64 8.95 27.28
N SER A 73 -12.47 9.47 28.20
CA SER A 73 -13.93 9.42 28.11
C SER A 73 -14.53 10.41 27.11
N ILE A 74 -13.75 11.30 26.54
CA ILE A 74 -14.29 12.20 25.49
C ILE A 74 -15.05 11.37 24.43
N SER A 75 -16.17 11.86 23.90
CA SER A 75 -16.81 11.18 22.81
C SER A 75 -16.15 11.50 21.45
N GLU A 76 -16.43 10.66 20.49
CA GLU A 76 -15.93 10.84 19.14
C GLU A 76 -16.42 12.20 18.60
N GLU A 77 -17.69 12.52 18.85
CA GLU A 77 -18.24 13.77 18.35
C GLU A 77 -17.55 14.97 19.01
N GLU A 78 -17.17 14.84 20.28
CA GLU A 78 -16.52 15.95 20.99
C GLU A 78 -15.13 16.18 20.41
N LEU A 79 -14.42 15.12 20.08
CA LEU A 79 -13.11 15.20 19.48
C LEU A 79 -13.22 15.80 18.08
N LEU A 80 -14.24 15.42 17.31
CA LEU A 80 -14.47 15.97 15.97
C LEU A 80 -14.74 17.46 16.01
N ASN A 81 -15.46 17.90 17.03
CA ASN A 81 -15.78 19.31 17.19
C ASN A 81 -14.51 20.12 17.46
N LEU A 82 -13.66 19.59 18.32
CA LEU A 82 -12.35 20.21 18.57
C LEU A 82 -11.49 20.30 17.28
N ILE A 83 -11.51 19.24 16.49
CA ILE A 83 -10.72 19.20 15.26
C ILE A 83 -11.22 20.26 14.25
N ASN A 84 -12.51 20.36 14.12
CA ASN A 84 -13.13 21.32 13.25
C ASN A 84 -12.81 22.76 13.71
N LYS A 85 -12.82 23.00 15.02
CA LYS A 85 -12.36 24.30 15.55
C LYS A 85 -10.94 24.63 15.09
N LEU A 86 -10.02 23.69 15.31
CA LEU A 86 -8.64 23.90 14.99
C LEU A 86 -8.40 23.92 13.46
N ASN A 87 -9.20 23.20 12.69
CA ASN A 87 -9.13 23.30 11.23
C ASN A 87 -9.44 24.71 10.75
N ASN A 88 -10.38 25.39 11.41
CA ASN A 88 -10.81 26.76 11.07
C ASN A 88 -10.00 27.90 11.73
N ASP A 89 -9.01 27.56 12.54
CA ASP A 89 -8.16 28.53 13.21
C ASP A 89 -6.92 28.78 12.32
N ASP A 90 -6.87 29.96 11.71
CA ASP A 90 -5.79 30.33 10.77
C ASP A 90 -4.43 30.47 11.44
N ASN A 91 -4.37 30.52 12.78
CA ASN A 91 -3.09 30.44 13.42
C ASN A 91 -2.49 29.04 13.42
N VAL A 92 -3.31 28.00 13.25
CA VAL A 92 -2.80 26.60 13.36
C VAL A 92 -2.35 26.10 11.99
N ASP A 93 -1.10 25.77 11.86
CA ASP A 93 -0.60 25.26 10.59
C ASP A 93 -0.58 23.74 10.51
N GLY A 94 -0.20 23.11 11.62
CA GLY A 94 -0.14 21.67 11.76
C GLY A 94 -1.06 21.22 12.88
N LEU A 95 -1.78 20.14 12.61
CA LEU A 95 -2.69 19.51 13.55
C LEU A 95 -2.50 18.00 13.51
N LEU A 96 -2.24 17.42 14.67
CA LEU A 96 -2.18 15.97 14.82
C LEU A 96 -2.83 15.42 16.10
N VAL A 97 -3.38 14.21 15.98
CA VAL A 97 -3.98 13.52 17.10
C VAL A 97 -3.08 12.36 17.38
N GLN A 98 -2.49 12.36 18.57
CA GLN A 98 -1.62 11.24 18.98
C GLN A 98 -2.42 9.93 19.06
N LEU A 99 -1.87 8.87 18.48
CA LEU A 99 -2.46 7.55 18.53
C LEU A 99 -1.70 6.70 19.52
N PRO A 100 -2.31 5.66 20.12
CA PRO A 100 -3.67 5.19 19.80
C PRO A 100 -4.70 5.94 20.59
N LEU A 101 -5.92 5.89 20.10
CA LEU A 101 -7.08 6.46 20.74
C LEU A 101 -7.89 5.35 21.47
N PRO A 102 -8.75 5.71 22.43
CA PRO A 102 -9.68 4.69 23.01
C PRO A 102 -10.55 4.00 21.97
N GLU A 103 -10.94 2.76 22.27
CA GLU A 103 -11.77 1.88 21.38
C GLU A 103 -13.05 2.50 20.88
N HIS A 104 -13.69 3.33 21.68
CA HIS A 104 -14.90 3.99 21.23
C HIS A 104 -14.71 5.08 20.20
N ILE A 105 -13.47 5.49 19.92
CA ILE A 105 -13.22 6.52 18.90
C ILE A 105 -12.63 5.84 17.67
N ASP A 106 -13.23 6.10 16.52
CA ASP A 106 -12.78 5.54 15.26
C ASP A 106 -11.60 6.33 14.73
N GLU A 107 -10.39 5.75 14.77
CA GLU A 107 -9.15 6.43 14.38
C GLU A 107 -9.15 6.97 12.95
N ARG A 108 -9.68 6.20 12.00
N ARG A 108 -9.67 6.18 12.00
CA ARG A 108 -9.68 6.64 10.61
CA ARG A 108 -9.75 6.59 10.60
C ARG A 108 -10.67 7.78 10.38
C ARG A 108 -10.65 7.80 10.43
N ARG A 109 -11.77 7.79 11.14
CA ARG A 109 -12.68 8.94 11.06
C ARG A 109 -12.01 10.19 11.61
N ILE A 110 -11.26 10.05 12.70
CA ILE A 110 -10.49 11.16 13.26
C ILE A 110 -9.37 11.64 12.29
N CYS A 111 -8.59 10.72 11.75
CA CYS A 111 -7.50 11.08 10.86
C CYS A 111 -8.02 11.82 9.61
N ASN A 112 -9.14 11.36 9.06
CA ASN A 112 -9.80 12.00 7.90
C ASN A 112 -10.51 13.30 8.24
N ALA A 113 -10.73 13.61 9.52
CA ALA A 113 -11.28 14.92 9.87
C ALA A 113 -10.27 16.07 9.88
N VAL A 114 -8.99 15.76 10.04
CA VAL A 114 -7.94 16.77 9.98
C VAL A 114 -7.87 17.32 8.54
N SER A 115 -7.94 18.63 8.39
CA SER A 115 -7.85 19.23 7.07
C SER A 115 -6.55 18.72 6.45
N PRO A 116 -6.62 18.17 5.21
CA PRO A 116 -5.39 17.64 4.60
C PRO A 116 -4.20 18.65 4.51
N ASP A 117 -4.47 19.94 4.36
CA ASP A 117 -3.46 20.99 4.42
C ASP A 117 -2.72 21.05 5.75
N LYS A 118 -3.36 20.61 6.85
CA LYS A 118 -2.75 20.63 8.19
C LYS A 118 -2.30 19.25 8.71
N ASP A 119 -2.44 18.22 7.86
CA ASP A 119 -2.19 16.82 8.15
C ASP A 119 -0.72 16.48 8.16
N VAL A 120 -0.06 16.97 9.22
CA VAL A 120 1.38 16.76 9.35
C VAL A 120 1.75 15.31 9.65
N ASP A 121 0.78 14.47 10.07
CA ASP A 121 1.08 13.04 10.18
C ASP A 121 1.02 12.30 8.87
N GLY A 122 0.36 12.87 7.86
CA GLY A 122 0.15 12.14 6.61
C GLY A 122 -0.85 10.98 6.73
N PHE A 123 -1.76 11.03 7.71
CA PHE A 123 -2.67 9.91 7.96
C PHE A 123 -4.04 10.05 7.24
N HIS A 124 -4.37 11.22 6.72
CA HIS A 124 -5.64 11.42 5.97
C HIS A 124 -5.61 10.49 4.75
N VAL A 125 -6.75 9.89 4.45
CA VAL A 125 -6.91 8.97 3.29
C VAL A 125 -6.36 9.49 1.95
N ILE A 126 -6.46 10.78 1.69
CA ILE A 126 -5.87 11.36 0.50
C ILE A 126 -4.33 11.33 0.54
N ASN A 127 -3.71 11.65 1.67
CA ASN A 127 -2.26 11.47 1.81
C ASN A 127 -1.89 10.03 1.70
N VAL A 128 -2.68 9.11 2.29
CA VAL A 128 -2.33 7.68 2.20
C VAL A 128 -2.40 7.21 0.76
N GLY A 129 -3.50 7.55 0.08
CA GLY A 129 -3.68 7.18 -1.32
C GLY A 129 -2.59 7.68 -2.23
N ARG A 130 -2.27 8.95 -2.09
CA ARG A 130 -1.25 9.59 -2.93
C ARG A 130 0.13 8.96 -2.69
N MET A 131 0.42 8.68 -1.43
CA MET A 131 1.62 7.95 -1.10
C MET A 131 1.65 6.58 -1.76
N CYS A 132 0.53 5.85 -1.74
CA CYS A 132 0.49 4.51 -2.34
C CYS A 132 0.58 4.53 -3.86
N LEU A 133 0.32 5.68 -4.42
CA LEU A 133 0.50 5.91 -5.85
C LEU A 133 1.82 6.61 -6.24
N ASP A 134 2.74 6.79 -5.28
CA ASP A 134 4.02 7.45 -5.52
C ASP A 134 3.84 8.89 -6.00
N GLN A 135 2.77 9.55 -5.61
CA GLN A 135 2.60 10.94 -5.88
C GLN A 135 3.13 11.80 -4.73
N TYR A 136 3.29 13.12 -4.96
CA TYR A 136 3.73 14.03 -3.90
C TYR A 136 2.70 13.95 -2.80
N SER A 137 3.15 13.81 -1.56
CA SER A 137 2.24 13.75 -0.41
C SER A 137 2.94 14.20 0.86
N MET A 138 2.18 14.39 1.93
CA MET A 138 2.75 14.58 3.24
C MET A 138 3.05 13.20 3.79
N LEU A 139 4.34 12.89 3.93
CA LEU A 139 4.76 11.58 4.32
C LEU A 139 4.67 11.41 5.86
N PRO A 140 4.33 10.19 6.30
CA PRO A 140 4.25 10.00 7.74
C PRO A 140 5.65 9.98 8.35
N ALA A 141 5.72 10.54 9.55
CA ALA A 141 6.98 10.88 10.20
C ALA A 141 7.90 9.68 10.46
N THR A 142 7.39 8.61 11.03
CA THR A 142 8.27 7.47 11.33
C THR A 142 8.83 6.83 10.06
N PRO A 143 7.96 6.53 9.06
CA PRO A 143 8.52 5.94 7.80
C PRO A 143 9.54 6.83 7.12
N TRP A 144 9.28 8.13 7.08
CA TRP A 144 10.18 9.09 6.46
C TRP A 144 11.47 9.21 7.29
N GLY A 145 11.38 9.14 8.61
CA GLY A 145 12.58 9.02 9.47
C GLY A 145 13.44 7.79 9.18
N VAL A 146 12.80 6.62 8.98
CA VAL A 146 13.53 5.41 8.59
C VAL A 146 14.25 5.59 7.24
N TRP A 147 13.55 6.17 6.28
CA TRP A 147 14.08 6.46 4.97
C TRP A 147 15.30 7.38 5.09
N GLU A 148 15.18 8.44 5.90
CA GLU A 148 16.23 9.43 6.09
C GLU A 148 17.44 8.82 6.75
N ILE A 149 17.25 7.95 7.73
CA ILE A 149 18.37 7.21 8.31
C ILE A 149 19.17 6.43 7.25
N ILE A 150 18.45 5.71 6.41
CA ILE A 150 19.11 4.87 5.37
C ILE A 150 19.84 5.73 4.36
N LYS A 151 19.17 6.79 3.91
CA LYS A 151 19.71 7.56 2.83
C LYS A 151 20.80 8.51 3.27
N ARG A 152 20.67 9.15 4.44
CA ARG A 152 21.70 10.06 4.90
C ARG A 152 22.98 9.32 5.26
N THR A 153 22.84 8.08 5.67
CA THR A 153 23.94 7.17 5.89
C THR A 153 24.54 6.61 4.60
N GLY A 154 23.87 6.78 3.45
CA GLY A 154 24.36 6.26 2.17
C GLY A 154 24.24 4.74 1.99
N ILE A 155 23.37 4.09 2.76
CA ILE A 155 23.13 2.66 2.61
C ILE A 155 22.30 2.45 1.33
N PRO A 156 22.80 1.64 0.38
CA PRO A 156 22.07 1.51 -0.90
C PRO A 156 20.81 0.62 -0.80
N THR A 157 19.80 0.96 -1.60
CA THR A 157 18.54 0.21 -1.66
C THR A 157 18.20 -0.40 -3.04
N LEU A 158 18.61 0.23 -4.13
CA LEU A 158 18.22 -0.26 -5.46
C LEU A 158 18.76 -1.65 -5.72
N GLY A 159 17.87 -2.60 -6.04
CA GLY A 159 18.24 -4.00 -6.26
C GLY A 159 18.53 -4.79 -5.00
N LYS A 160 18.36 -4.19 -3.85
CA LYS A 160 18.68 -4.87 -2.59
C LYS A 160 17.51 -5.57 -2.00
N ASN A 161 17.80 -6.58 -1.18
CA ASN A 161 16.81 -7.31 -0.41
C ASN A 161 16.52 -6.61 0.92
N VAL A 162 15.24 -6.30 1.17
CA VAL A 162 14.75 -5.70 2.42
C VAL A 162 13.63 -6.50 3.04
N VAL A 163 13.70 -6.69 4.35
CA VAL A 163 12.65 -7.31 5.08
C VAL A 163 12.20 -6.28 6.08
N VAL A 164 10.89 -6.03 6.08
CA VAL A 164 10.19 -5.28 7.12
C VAL A 164 9.40 -6.26 7.96
N ALA A 165 9.68 -6.29 9.27
CA ALA A 165 8.84 -7.04 10.21
C ALA A 165 7.78 -6.10 10.81
N GLY A 166 6.53 -6.35 10.52
CA GLY A 166 5.41 -5.47 10.92
C GLY A 166 4.65 -4.92 9.72
N ARG A 167 3.33 -4.79 9.83
CA ARG A 167 2.51 -4.33 8.69
C ARG A 167 1.49 -3.30 9.10
N SER A 168 1.75 -2.60 10.19
CA SER A 168 0.81 -1.63 10.68
C SER A 168 0.70 -0.52 9.67
N LYS A 169 -0.49 0.08 9.61
CA LYS A 169 -0.78 1.04 8.57
C LYS A 169 -0.01 2.38 8.72
N ASN A 170 0.42 2.69 9.93
CA ASN A 170 1.15 3.93 10.24
C ASN A 170 2.68 3.74 10.21
N VAL A 171 3.21 2.52 10.17
CA VAL A 171 4.64 2.28 10.23
C VAL A 171 5.14 1.26 9.21
N GLY A 172 4.84 0.00 9.46
CA GLY A 172 5.33 -1.08 8.61
C GLY A 172 4.89 -0.93 7.15
N MET A 173 3.61 -0.68 6.93
CA MET A 173 3.13 -0.61 5.53
C MET A 173 3.79 0.52 4.75
N PRO A 174 3.81 1.75 5.32
CA PRO A 174 4.46 2.82 4.53
C PRO A 174 5.96 2.65 4.33
N ILE A 175 6.64 2.00 5.26
CA ILE A 175 8.10 1.73 5.07
C ILE A 175 8.25 0.81 3.87
N ALA A 176 7.47 -0.26 3.82
CA ALA A 176 7.55 -1.22 2.70
C ALA A 176 7.19 -0.54 1.37
N MET A 177 6.20 0.34 1.41
CA MET A 177 5.83 1.13 0.22
C MET A 177 6.97 2.05 -0.23
N LEU A 178 7.58 2.82 0.68
CA LEU A 178 8.69 3.71 0.29
C LEU A 178 9.88 2.93 -0.27
N LEU A 179 10.23 1.84 0.37
CA LEU A 179 11.43 1.11 -0.01
C LEU A 179 11.31 0.36 -1.31
N HIS A 180 10.14 -0.15 -1.69
CA HIS A 180 10.05 -0.98 -2.91
C HIS A 180 9.76 -0.18 -4.16
N THR A 181 9.36 1.10 -4.04
CA THR A 181 8.76 1.77 -5.19
C THR A 181 9.78 2.49 -6.10
N ASP A 182 9.29 2.92 -7.26
CA ASP A 182 10.13 3.47 -8.31
C ASP A 182 10.90 4.79 -7.97
N GLY A 183 12.22 4.76 -8.07
CA GLY A 183 13.07 5.97 -7.97
C GLY A 183 12.70 7.11 -8.90
N ALA A 184 12.11 6.77 -10.05
CA ALA A 184 11.75 7.75 -11.08
C ALA A 184 10.37 8.35 -10.93
N HIS A 185 9.57 7.85 -10.01
CA HIS A 185 8.22 8.46 -9.80
C HIS A 185 8.31 9.78 -9.06
N GLU A 186 7.22 10.50 -9.13
CA GLU A 186 7.10 11.83 -8.61
C GLU A 186 7.64 11.92 -7.14
N ARG A 187 7.24 11.00 -6.28
CA ARG A 187 7.83 10.82 -4.96
C ARG A 187 8.69 9.58 -5.11
N PRO A 188 10.01 9.75 -5.21
CA PRO A 188 10.87 8.58 -5.48
C PRO A 188 10.76 7.54 -4.39
N GLY A 189 10.86 6.28 -4.76
CA GLY A 189 11.03 5.20 -3.80
C GLY A 189 12.41 4.61 -3.92
N GLY A 190 12.64 3.56 -3.15
CA GLY A 190 13.96 2.95 -3.02
C GLY A 190 14.34 1.82 -3.97
N ASP A 191 13.40 1.31 -4.79
CA ASP A 191 13.70 0.21 -5.77
C ASP A 191 14.31 -1.02 -5.14
N ALA A 192 13.97 -1.28 -3.89
CA ALA A 192 14.34 -2.53 -3.26
C ALA A 192 13.28 -3.64 -3.50
N THR A 193 13.74 -4.86 -3.29
CA THR A 193 12.94 -6.06 -3.30
C THR A 193 12.58 -6.28 -1.84
N VAL A 194 11.29 -6.17 -1.50
CA VAL A 194 10.87 -6.03 -0.12
C VAL A 194 9.98 -7.16 0.28
N THR A 195 10.26 -7.72 1.44
CA THR A 195 9.45 -8.76 2.00
C THR A 195 8.78 -8.18 3.23
N ILE A 196 7.45 -8.30 3.33
CA ILE A 196 6.73 -7.88 4.52
C ILE A 196 6.33 -9.10 5.30
N SER A 197 6.61 -9.08 6.62
CA SER A 197 6.19 -10.13 7.54
C SER A 197 5.35 -9.57 8.69
N HIS A 198 4.74 -10.44 9.48
CA HIS A 198 3.76 -9.98 10.46
C HIS A 198 3.49 -11.08 11.49
N ARG A 199 2.49 -10.86 12.33
CA ARG A 199 2.17 -11.80 13.40
C ARG A 199 1.92 -13.24 13.02
N TYR A 200 1.57 -13.54 11.75
CA TYR A 200 1.38 -14.94 11.32
C TYR A 200 2.51 -15.48 10.50
N THR A 201 3.61 -14.74 10.39
CA THR A 201 4.81 -15.25 9.75
C THR A 201 5.48 -16.17 10.80
N PRO A 202 5.73 -17.44 10.45
CA PRO A 202 6.45 -18.29 11.42
C PRO A 202 7.90 -17.87 11.54
N LYS A 203 8.36 -17.78 12.80
CA LYS A 203 9.74 -17.53 13.13
C LYS A 203 10.71 -18.07 12.13
N GLU A 204 10.56 -19.34 11.81
CA GLU A 204 11.48 -19.99 10.89
C GLU A 204 11.42 -19.35 9.51
N GLN A 205 10.22 -18.98 9.06
CA GLN A 205 10.12 -18.25 7.74
C GLN A 205 10.70 -16.82 7.75
N LEU A 206 10.48 -16.09 8.85
CA LEU A 206 11.10 -14.77 9.01
C LEU A 206 12.62 -14.93 8.80
N LYS A 207 13.19 -15.88 9.54
CA LYS A 207 14.62 -16.14 9.45
C LYS A 207 15.12 -16.40 8.04
N LYS A 208 14.37 -17.21 7.29
CA LYS A 208 14.77 -17.55 5.91
C LYS A 208 14.75 -16.34 4.94
N HIS A 209 13.96 -15.32 5.27
CA HIS A 209 13.96 -14.08 4.48
C HIS A 209 15.03 -13.08 5.01
N THR A 210 15.15 -12.97 6.33
CA THR A 210 16.18 -12.09 6.93
C THR A 210 17.60 -12.45 6.54
N ILE A 211 17.88 -13.74 6.47
CA ILE A 211 19.24 -14.16 6.10
C ILE A 211 19.65 -13.70 4.68
N LEU A 212 18.68 -13.42 3.79
CA LEU A 212 19.01 -12.87 2.46
C LEU A 212 19.03 -11.36 2.43
N ALA A 213 18.65 -10.71 3.53
CA ALA A 213 18.42 -9.28 3.51
C ALA A 213 19.71 -8.43 3.64
N ASP A 214 19.83 -7.43 2.78
CA ASP A 214 20.76 -6.32 2.98
C ASP A 214 20.28 -5.30 4.01
N ILE A 215 18.96 -5.20 4.20
CA ILE A 215 18.40 -4.30 5.22
C ILE A 215 17.24 -5.00 5.92
N VAL A 216 17.30 -5.05 7.24
CA VAL A 216 16.23 -5.55 8.05
C VAL A 216 15.68 -4.39 8.86
N ILE A 217 14.36 -4.16 8.78
CA ILE A 217 13.68 -3.08 9.53
C ILE A 217 12.63 -3.71 10.42
N SER A 218 12.82 -3.63 11.74
CA SER A 218 11.92 -4.32 12.63
C SER A 218 10.99 -3.32 13.25
N ALA A 219 9.70 -3.59 13.10
CA ALA A 219 8.66 -2.66 13.48
C ALA A 219 7.51 -3.44 14.05
N ALA A 220 7.85 -4.39 14.91
CA ALA A 220 6.89 -5.33 15.47
C ALA A 220 6.54 -5.09 16.93
N GLY A 221 7.43 -4.48 17.71
CA GLY A 221 7.20 -4.37 19.17
C GLY A 221 7.39 -5.67 19.96
N ILE A 222 8.46 -6.41 19.68
CA ILE A 222 8.73 -7.69 20.33
C ILE A 222 10.21 -7.76 20.69
N PRO A 223 10.54 -7.71 22.00
CA PRO A 223 11.95 -7.79 22.38
C PRO A 223 12.62 -9.01 21.84
N ASN A 224 13.82 -8.84 21.32
CA ASN A 224 14.64 -9.93 20.78
C ASN A 224 14.05 -10.70 19.62
N LEU A 225 13.09 -10.09 18.92
CA LEU A 225 12.62 -10.66 17.67
C LEU A 225 13.79 -10.96 16.71
N ILE A 226 14.79 -10.08 16.66
CA ILE A 226 15.85 -10.20 15.68
C ILE A 226 17.16 -10.49 16.43
N THR A 227 17.77 -11.64 16.10
CA THR A 227 19.05 -12.09 16.67
C THR A 227 20.05 -12.32 15.59
N ALA A 228 21.29 -12.40 16.00
CA ALA A 228 22.43 -12.41 15.06
C ALA A 228 22.46 -13.59 14.07
N ASP A 229 21.92 -14.75 14.46
CA ASP A 229 21.73 -15.88 13.53
C ASP A 229 20.83 -15.57 12.30
N MET A 230 19.92 -14.58 12.45
CA MET A 230 18.97 -14.18 11.40
C MET A 230 19.49 -13.16 10.40
N ILE A 231 20.72 -12.66 10.58
CA ILE A 231 21.22 -11.48 9.87
C ILE A 231 22.43 -11.93 9.06
N LYS A 232 22.55 -11.51 7.80
CA LYS A 232 23.79 -11.85 7.13
C LYS A 232 24.81 -10.81 7.51
N GLU A 233 26.06 -11.13 7.27
CA GLU A 233 27.16 -10.29 7.68
C GLU A 233 27.19 -9.01 6.86
N GLY A 234 27.41 -7.87 7.53
CA GLY A 234 27.47 -6.58 6.82
C GLY A 234 26.11 -5.95 6.49
N ALA A 235 25.03 -6.53 7.00
CA ALA A 235 23.65 -6.00 6.77
C ALA A 235 23.34 -4.80 7.66
N ALA A 236 22.43 -3.94 7.18
CA ALA A 236 21.94 -2.81 7.97
C ALA A 236 20.69 -3.19 8.74
N VAL A 237 20.65 -2.88 10.04
CA VAL A 237 19.54 -3.30 10.88
C VAL A 237 18.95 -2.06 11.56
N ILE A 238 17.70 -1.74 11.20
CA ILE A 238 16.99 -0.52 11.68
C ILE A 238 15.88 -0.96 12.65
N ASP A 239 15.97 -0.50 13.89
CA ASP A 239 15.11 -0.94 14.95
C ASP A 239 14.07 0.12 15.29
N VAL A 240 12.85 -0.12 14.81
CA VAL A 240 11.75 0.79 15.05
C VAL A 240 11.06 0.48 16.36
N GLY A 241 11.21 -0.70 16.92
CA GLY A 241 10.54 -1.06 18.19
C GLY A 241 10.94 -0.17 19.37
N ILE A 242 10.00 0.11 20.29
CA ILE A 242 10.32 0.80 21.53
C ILE A 242 9.56 0.04 22.60
N ASN A 243 10.20 -0.96 23.21
CA ASN A 243 9.51 -1.86 24.16
C ASN A 243 9.87 -1.52 25.61
N ARG A 244 8.84 -1.29 26.42
N ARG A 244 8.85 -1.26 26.42
CA ARG A 244 8.98 -1.03 27.86
CA ARG A 244 8.98 -1.03 27.86
C ARG A 244 9.13 -2.36 28.62
C ARG A 244 9.12 -2.38 28.60
N VAL A 245 10.31 -2.64 29.13
CA VAL A 245 10.59 -3.91 29.87
C VAL A 245 11.18 -3.62 31.25
N HIS A 246 11.26 -4.65 32.09
CA HIS A 246 11.83 -4.51 33.44
C HIS A 246 13.08 -5.34 33.50
N ASP A 247 14.02 -4.92 34.35
CA ASP A 247 15.34 -5.54 34.37
C ASP A 247 15.36 -6.63 35.44
N THR A 250 19.50 -5.82 38.62
CA THR A 250 18.55 -5.57 37.56
C THR A 250 17.10 -5.47 38.11
N ALA A 251 16.72 -4.29 38.62
CA ALA A 251 15.34 -4.00 39.05
C ALA A 251 14.54 -3.22 37.98
N LYS A 252 15.21 -2.23 37.41
CA LYS A 252 14.58 -1.07 36.76
C LYS A 252 13.65 -1.33 35.56
N PRO A 253 12.62 -0.47 35.37
CA PRO A 253 11.95 -0.36 34.08
C PRO A 253 12.91 0.25 33.07
N LYS A 254 12.83 -0.19 31.82
CA LYS A 254 13.71 0.32 30.75
C LYS A 254 13.18 0.11 29.30
N LEU A 255 13.82 0.78 28.35
CA LEU A 255 13.44 0.73 26.92
C LEU A 255 14.40 -0.16 26.15
N VAL A 256 13.88 -1.18 25.47
CA VAL A 256 14.65 -1.93 24.46
C VAL A 256 13.87 -1.96 23.11
N GLY A 257 14.60 -2.28 22.06
CA GLY A 257 14.07 -2.39 20.73
C GLY A 257 13.60 -3.80 20.45
N ASP A 258 13.38 -4.09 19.18
CA ASP A 258 13.05 -5.43 18.71
C ASP A 258 14.31 -6.25 18.48
N VAL A 259 15.46 -5.59 18.36
CA VAL A 259 16.70 -6.24 18.00
C VAL A 259 17.49 -6.59 19.26
N ASP A 260 18.11 -7.76 19.27
CA ASP A 260 19.12 -8.10 20.30
C ASP A 260 20.37 -7.26 19.97
N PHE A 261 20.42 -6.07 20.54
CA PHE A 261 21.42 -5.10 20.11
C PHE A 261 22.87 -5.61 20.27
N GLU A 262 23.15 -6.28 21.40
CA GLU A 262 24.53 -6.78 21.70
C GLU A 262 24.99 -7.87 20.75
N GLY A 263 24.17 -8.90 20.58
CA GLY A 263 24.48 -9.93 19.59
C GLY A 263 24.58 -9.36 18.20
N VAL A 264 23.60 -8.55 17.79
CA VAL A 264 23.51 -8.17 16.37
C VAL A 264 24.58 -7.19 15.99
N ARG A 265 25.00 -6.31 16.92
CA ARG A 265 26.11 -5.40 16.63
C ARG A 265 27.45 -6.10 16.32
N GLN A 266 27.59 -7.38 16.66
CA GLN A 266 28.75 -8.17 16.25
C GLN A 266 28.71 -8.58 14.78
N LYS A 267 27.50 -8.77 14.25
CA LYS A 267 27.34 -9.27 12.88
C LYS A 267 26.98 -8.25 11.80
N ALA A 268 26.06 -7.33 12.14
CA ALA A 268 25.65 -6.29 11.20
C ALA A 268 26.77 -5.35 10.81
N GLY A 269 26.64 -4.75 9.63
CA GLY A 269 27.43 -3.60 9.25
C GLY A 269 26.96 -2.27 9.85
N TYR A 270 25.66 -2.14 10.10
CA TYR A 270 25.03 -0.93 10.65
C TYR A 270 23.86 -1.32 11.52
N ILE A 271 23.61 -0.47 12.49
CA ILE A 271 22.60 -0.79 13.46
C ILE A 271 22.16 0.48 14.15
N THR A 272 20.87 0.58 14.47
CA THR A 272 20.37 1.72 15.23
C THR A 272 20.06 1.21 16.64
N PRO A 273 20.30 2.05 17.63
CA PRO A 273 19.98 1.70 19.00
C PRO A 273 18.59 2.19 19.41
N VAL A 274 18.09 1.66 20.54
CA VAL A 274 16.91 2.11 21.18
C VAL A 274 17.25 2.33 22.68
N PRO A 275 17.07 3.50 23.29
CA PRO A 275 16.59 4.72 22.66
C PRO A 275 17.63 5.39 21.78
N GLY A 276 17.31 6.59 21.28
CA GLY A 276 18.25 7.35 20.44
C GLY A 276 18.42 6.92 19.00
N GLY A 277 17.50 6.12 18.47
CA GLY A 277 17.60 5.72 17.05
C GLY A 277 16.45 6.25 16.20
N VAL A 278 15.48 5.40 15.89
CA VAL A 278 14.37 5.86 15.01
C VAL A 278 13.49 6.88 15.74
N GLY A 279 13.33 6.74 17.04
CA GLY A 279 12.43 7.64 17.78
C GLY A 279 12.67 9.12 17.54
N PRO A 280 13.92 9.60 17.79
CA PRO A 280 14.18 11.01 17.57
C PRO A 280 14.01 11.45 16.12
N MET A 281 14.28 10.56 15.18
CA MET A 281 14.05 10.86 13.75
C MET A 281 12.57 11.07 13.43
N THR A 282 11.68 10.35 14.13
CA THR A 282 10.22 10.58 13.98
C THR A 282 9.92 12.01 14.32
N VAL A 283 10.47 12.47 15.44
CA VAL A 283 10.22 13.85 15.84
C VAL A 283 10.78 14.88 14.85
N ALA A 284 11.98 14.60 14.31
CA ALA A 284 12.56 15.58 13.36
C ALA A 284 11.78 15.69 12.07
N MET A 285 11.27 14.54 11.59
CA MET A 285 10.55 14.54 10.32
C MET A 285 9.17 15.21 10.47
N LEU A 286 8.60 15.10 11.66
CA LEU A 286 7.41 15.91 11.96
C LEU A 286 7.65 17.42 11.89
N MET A 287 8.79 17.88 12.41
CA MET A 287 9.14 19.30 12.34
C MET A 287 9.27 19.76 10.86
N LYS A 288 9.86 18.91 10.04
CA LYS A 288 9.95 19.11 8.57
C LYS A 288 8.55 19.23 7.96
N ASN A 289 7.62 18.33 8.32
CA ASN A 289 6.26 18.41 7.77
C ASN A 289 5.55 19.66 8.20
N THR A 290 5.82 20.13 9.42
CA THR A 290 5.14 21.32 9.92
C THR A 290 5.55 22.62 9.16
N ILE A 291 6.84 22.79 8.91
CA ILE A 291 7.31 23.96 8.12
C ILE A 291 6.78 23.83 6.66
N ILE A 292 6.78 22.60 6.13
CA ILE A 292 6.15 22.37 4.80
C ILE A 292 4.69 22.74 4.81
N ALA A 293 3.96 22.30 5.83
CA ALA A 293 2.55 22.72 5.94
C ALA A 293 2.33 24.24 6.07
N ALA A 294 3.11 24.89 6.93
CA ALA A 294 3.03 26.34 7.08
C ALA A 294 3.33 27.07 5.76
N LYS A 295 4.21 26.50 4.95
CA LYS A 295 4.59 27.14 3.71
C LYS A 295 3.61 26.92 2.60
N LYS A 296 2.56 26.13 2.80
CA LYS A 296 1.42 26.05 1.88
C LYS A 296 1.94 25.72 0.48
N VAL A 297 2.94 24.84 0.42
CA VAL A 297 3.69 24.53 -0.80
C VAL A 297 3.21 23.21 -1.46
N LEU A 298 2.18 22.56 -0.87
CA LEU A 298 1.75 21.19 -1.19
C LEU A 298 0.22 20.99 -1.17
N MET B 1 5.25 -34.14 -10.79
CA MET B 1 3.96 -34.51 -10.13
C MET B 1 2.69 -34.29 -10.97
N GLU B 2 2.80 -33.42 -11.98
CA GLU B 2 1.67 -32.91 -12.77
C GLU B 2 0.74 -31.98 -11.96
N ALA B 3 0.85 -30.68 -12.25
CA ALA B 3 0.00 -29.64 -11.63
C ALA B 3 -1.48 -29.73 -12.06
N VAL B 4 -2.36 -29.55 -11.08
CA VAL B 4 -3.74 -29.12 -11.34
C VAL B 4 -3.74 -27.82 -12.17
N VAL B 5 -4.36 -27.83 -13.33
CA VAL B 5 -4.51 -26.64 -14.14
C VAL B 5 -5.79 -26.02 -13.67
N ILE B 6 -5.73 -24.83 -13.06
CA ILE B 6 -6.95 -24.20 -12.57
C ILE B 6 -7.65 -23.60 -13.79
N SER B 7 -8.96 -23.82 -13.90
CA SER B 7 -9.73 -23.22 -15.01
C SER B 7 -10.32 -21.88 -14.60
N GLY B 8 -9.78 -20.80 -15.16
CA GLY B 8 -10.32 -19.47 -14.88
C GLY B 8 -11.69 -19.29 -15.49
N ARG B 9 -11.90 -19.92 -16.66
CA ARG B 9 -13.20 -19.91 -17.35
C ARG B 9 -14.29 -20.51 -16.49
N LYS B 10 -14.03 -21.66 -15.84
CA LYS B 10 -15.05 -22.27 -14.95
C LYS B 10 -15.33 -21.50 -13.69
N LEU B 11 -14.28 -21.00 -13.01
CA LEU B 11 -14.50 -20.16 -11.81
C LEU B 11 -15.28 -18.88 -12.14
N ALA B 12 -14.89 -18.23 -13.21
CA ALA B 12 -15.61 -17.01 -13.66
C ALA B 12 -17.12 -17.26 -13.89
N GLN B 13 -17.44 -18.39 -14.52
CA GLN B 13 -18.84 -18.85 -14.74
C GLN B 13 -19.61 -18.94 -13.45
N GLN B 14 -18.99 -19.52 -12.43
CA GLN B 14 -19.63 -19.61 -11.09
C GLN B 14 -19.85 -18.23 -10.50
N ILE B 15 -18.83 -17.35 -10.57
CA ILE B 15 -18.98 -15.97 -10.09
C ILE B 15 -20.06 -15.19 -10.87
N LYS B 16 -20.09 -15.34 -12.19
CA LYS B 16 -21.14 -14.65 -13.01
C LYS B 16 -22.56 -15.17 -12.70
N GLN B 17 -22.66 -16.46 -12.40
CA GLN B 17 -23.93 -17.04 -11.97
C GLN B 17 -24.37 -16.41 -10.65
N GLU B 18 -23.42 -16.28 -9.70
CA GLU B 18 -23.73 -15.58 -8.47
C GLU B 18 -24.20 -14.14 -8.76
N VAL B 19 -23.53 -13.41 -9.65
CA VAL B 19 -23.93 -12.01 -9.92
C VAL B 19 -25.34 -11.97 -10.60
N ARG B 20 -25.59 -12.87 -11.52
CA ARG B 20 -26.92 -12.92 -12.16
C ARG B 20 -28.04 -13.13 -11.13
N GLN B 21 -27.86 -14.08 -10.19
CA GLN B 21 -28.89 -14.26 -9.13
C GLN B 21 -29.06 -13.01 -8.30
N GLU B 22 -27.95 -12.41 -7.90
CA GLU B 22 -28.01 -11.16 -7.10
C GLU B 22 -28.69 -10.00 -7.86
N VAL B 23 -28.38 -9.85 -9.14
CA VAL B 23 -29.00 -8.82 -9.98
C VAL B 23 -30.49 -9.10 -10.12
N GLU B 24 -30.84 -10.35 -10.43
CA GLU B 24 -32.27 -10.69 -10.67
C GLU B 24 -33.11 -10.51 -9.40
N GLU B 25 -32.58 -10.88 -8.24
CA GLU B 25 -33.25 -10.56 -6.94
C GLU B 25 -33.41 -9.05 -6.72
N TRP B 26 -32.35 -8.30 -7.02
CA TRP B 26 -32.35 -6.87 -6.82
C TRP B 26 -33.44 -6.20 -7.65
N VAL B 27 -33.54 -6.59 -8.91
CA VAL B 27 -34.54 -6.01 -9.81
C VAL B 27 -35.95 -6.50 -9.44
N ALA B 28 -36.07 -7.79 -9.13
CA ALA B 28 -37.34 -8.36 -8.69
C ALA B 28 -37.89 -7.65 -7.43
N SER B 29 -37.02 -7.06 -6.58
CA SER B 29 -37.48 -6.26 -5.41
C SER B 29 -37.87 -4.83 -5.76
N GLY B 30 -37.96 -4.52 -7.05
CA GLY B 30 -38.42 -3.20 -7.51
C GLY B 30 -37.33 -2.16 -7.79
N ASN B 31 -36.07 -2.57 -7.84
CA ASN B 31 -34.95 -1.63 -8.04
C ASN B 31 -34.57 -1.51 -9.50
N LYS B 32 -33.97 -0.37 -9.86
CA LYS B 32 -33.45 -0.12 -11.21
C LYS B 32 -32.44 -1.22 -11.60
N ARG B 33 -32.57 -1.77 -12.80
CA ARG B 33 -31.55 -2.66 -13.34
C ARG B 33 -30.16 -1.93 -13.38
N PRO B 34 -29.10 -2.58 -12.91
CA PRO B 34 -27.76 -1.92 -12.96
C PRO B 34 -27.32 -1.57 -14.38
N HIS B 35 -26.58 -0.46 -14.49
CA HIS B 35 -26.01 -0.01 -15.74
C HIS B 35 -24.52 0.32 -15.60
N LEU B 36 -23.69 -0.29 -16.46
CA LEU B 36 -22.28 -0.01 -16.58
C LEU B 36 -21.95 0.81 -17.86
N SER B 37 -21.27 1.95 -17.75
CA SER B 37 -20.70 2.62 -18.89
C SER B 37 -19.18 2.42 -18.98
N VAL B 38 -18.69 2.07 -20.16
CA VAL B 38 -17.25 1.93 -20.41
C VAL B 38 -16.84 2.95 -21.46
N ILE B 39 -15.80 3.72 -21.16
CA ILE B 39 -15.16 4.61 -22.11
C ILE B 39 -13.93 3.94 -22.63
N LEU B 40 -13.85 3.88 -23.97
CA LEU B 40 -12.77 3.29 -24.71
C LEU B 40 -12.19 4.33 -25.68
N VAL B 41 -10.89 4.60 -25.58
CA VAL B 41 -10.23 5.68 -26.33
C VAL B 41 -9.24 5.05 -27.27
N GLY B 42 -9.38 5.35 -28.56
CA GLY B 42 -8.42 4.85 -29.52
C GLY B 42 -8.67 3.44 -29.97
N GLU B 43 -7.61 2.81 -30.49
CA GLU B 43 -7.71 1.58 -31.25
C GLU B 43 -6.71 0.51 -30.77
N ASN B 44 -6.38 0.48 -29.49
CA ASN B 44 -5.55 -0.62 -28.93
C ASN B 44 -6.30 -1.97 -29.05
N PRO B 45 -5.76 -2.94 -29.83
CA PRO B 45 -6.56 -4.14 -30.11
C PRO B 45 -6.92 -4.95 -28.87
N ALA B 46 -5.99 -5.02 -27.90
CA ALA B 46 -6.25 -5.68 -26.60
C ALA B 46 -7.37 -4.97 -25.87
N SER B 47 -7.30 -3.66 -25.80
CA SER B 47 -8.32 -2.90 -25.08
C SER B 47 -9.75 -3.20 -25.63
N HIS B 48 -9.87 -3.20 -26.96
CA HIS B 48 -11.13 -3.55 -27.64
C HIS B 48 -11.66 -4.94 -27.31
N SER B 49 -10.81 -5.95 -27.36
CA SER B 49 -11.23 -7.28 -27.00
C SER B 49 -11.63 -7.36 -25.55
N TYR B 50 -10.86 -6.71 -24.68
CA TYR B 50 -11.15 -6.84 -23.26
C TYR B 50 -12.46 -6.17 -22.96
N VAL B 51 -12.68 -4.97 -23.49
CA VAL B 51 -13.97 -4.26 -23.27
C VAL B 51 -15.19 -5.02 -23.84
N LEU B 52 -15.03 -5.61 -25.02
CA LEU B 52 -16.05 -6.51 -25.58
C LEU B 52 -16.35 -7.70 -24.65
N ASN B 53 -15.33 -8.35 -24.07
CA ASN B 53 -15.59 -9.38 -23.04
C ASN B 53 -16.38 -8.86 -21.81
N LYS B 54 -16.05 -7.65 -21.34
CA LYS B 54 -16.76 -7.04 -20.22
C LYS B 54 -18.25 -6.79 -20.53
N THR B 55 -18.56 -6.23 -21.70
CA THR B 55 -19.95 -5.89 -22.06
C THR B 55 -20.73 -7.14 -22.42
N ARG B 56 -20.08 -8.12 -23.04
CA ARG B 56 -20.76 -9.42 -23.17
C ARG B 56 -21.12 -10.08 -21.84
N ALA B 57 -20.21 -10.02 -20.88
CA ALA B 57 -20.49 -10.61 -19.58
C ALA B 57 -21.60 -9.85 -18.86
N ALA B 58 -21.59 -8.52 -18.96
CA ALA B 58 -22.62 -7.69 -18.35
C ALA B 58 -24.05 -8.11 -18.85
N ALA B 59 -24.20 -8.24 -20.16
CA ALA B 59 -25.48 -8.65 -20.75
C ALA B 59 -26.00 -10.00 -20.22
N VAL B 60 -25.13 -10.99 -20.10
CA VAL B 60 -25.58 -12.29 -19.62
C VAL B 60 -25.84 -12.34 -18.10
N VAL B 61 -25.38 -11.37 -17.30
CA VAL B 61 -25.74 -11.35 -15.86
C VAL B 61 -26.83 -10.35 -15.54
N GLY B 62 -27.45 -9.78 -16.57
CA GLY B 62 -28.54 -8.82 -16.37
C GLY B 62 -28.15 -7.39 -16.15
N ILE B 63 -26.90 -7.05 -16.49
CA ILE B 63 -26.46 -5.66 -16.31
C ILE B 63 -26.52 -4.94 -17.65
N ASN B 64 -27.20 -3.80 -17.75
CA ASN B 64 -27.22 -3.01 -18.96
C ASN B 64 -25.83 -2.39 -19.13
N SER B 65 -25.39 -2.25 -20.37
CA SER B 65 -24.15 -1.54 -20.66
C SER B 65 -24.17 -0.70 -21.92
N GLU B 66 -23.22 0.25 -21.97
CA GLU B 66 -22.88 1.03 -23.16
C GLU B 66 -21.38 1.20 -23.17
N THR B 67 -20.80 1.08 -24.37
CA THR B 67 -19.42 1.39 -24.59
C THR B 67 -19.42 2.67 -25.40
N ILE B 68 -18.66 3.66 -24.95
CA ILE B 68 -18.57 4.96 -25.66
C ILE B 68 -17.17 5.03 -26.22
N MET B 69 -17.05 4.86 -27.54
CA MET B 69 -15.75 4.89 -28.19
C MET B 69 -15.46 6.33 -28.63
N LYS B 70 -14.25 6.79 -28.32
CA LYS B 70 -13.73 8.08 -28.71
C LYS B 70 -12.42 7.87 -29.42
N PRO B 71 -12.09 8.77 -30.38
CA PRO B 71 -10.76 8.68 -31.03
C PRO B 71 -9.63 9.08 -30.09
N ALA B 72 -8.44 8.53 -30.39
CA ALA B 72 -7.16 8.80 -29.70
C ALA B 72 -6.79 10.27 -29.70
N SER B 73 -7.19 11.01 -30.73
CA SER B 73 -6.94 12.45 -30.79
C SER B 73 -7.77 13.26 -29.79
N ILE B 74 -8.60 12.62 -28.96
CA ILE B 74 -9.38 13.36 -27.97
C ILE B 74 -8.43 14.12 -27.02
N SER B 75 -8.91 15.27 -26.53
CA SER B 75 -8.19 16.09 -25.56
C SER B 75 -8.58 15.66 -24.17
N GLU B 76 -7.70 15.95 -23.24
CA GLU B 76 -7.95 15.65 -21.87
C GLU B 76 -9.22 16.34 -21.42
N GLU B 77 -9.43 17.58 -21.88
CA GLU B 77 -10.65 18.32 -21.51
C GLU B 77 -11.94 17.65 -21.99
N GLU B 78 -11.94 17.15 -23.23
N GLU B 78 -12.00 17.17 -23.24
CA GLU B 78 -13.10 16.50 -23.82
CA GLU B 78 -13.24 16.52 -23.74
C GLU B 78 -13.45 15.20 -23.06
C GLU B 78 -13.47 15.27 -22.88
N LEU B 79 -12.41 14.49 -22.63
CA LEU B 79 -12.57 13.29 -21.85
C LEU B 79 -13.16 13.61 -20.48
N LEU B 80 -12.64 14.65 -19.83
CA LEU B 80 -13.19 15.10 -18.56
C LEU B 80 -14.62 15.52 -18.60
N ASN B 81 -15.06 16.24 -19.64
N ASN B 81 -15.00 16.23 -19.67
CA ASN B 81 -16.49 16.62 -19.72
CA ASN B 81 -16.39 16.64 -19.90
C ASN B 81 -17.38 15.40 -19.98
C ASN B 81 -17.33 15.43 -19.99
N LEU B 82 -16.90 14.41 -20.72
CA LEU B 82 -17.69 13.16 -20.86
C LEU B 82 -17.85 12.41 -19.48
N ILE B 83 -16.76 12.37 -18.72
CA ILE B 83 -16.81 11.77 -17.38
C ILE B 83 -17.78 12.48 -16.48
N ASN B 84 -17.69 13.81 -16.47
CA ASN B 84 -18.58 14.63 -15.64
C ASN B 84 -20.05 14.40 -15.97
N LYS B 85 -20.38 14.39 -17.26
CA LYS B 85 -21.78 14.08 -17.67
C LYS B 85 -22.19 12.69 -17.19
N LEU B 86 -21.31 11.70 -17.30
CA LEU B 86 -21.64 10.35 -16.84
C LEU B 86 -21.76 10.28 -15.33
N ASN B 87 -20.90 10.99 -14.62
CA ASN B 87 -21.02 11.09 -13.14
C ASN B 87 -22.35 11.66 -12.72
N ASN B 88 -22.89 12.60 -13.51
CA ASN B 88 -24.21 13.20 -13.19
C ASN B 88 -25.44 12.56 -13.81
N ASP B 89 -25.29 11.46 -14.56
CA ASP B 89 -26.42 10.67 -15.08
C ASP B 89 -26.77 9.60 -14.07
N ASP B 90 -27.91 9.78 -13.40
CA ASP B 90 -28.36 8.85 -12.39
C ASP B 90 -28.71 7.50 -12.94
N ASN B 91 -28.87 7.32 -14.25
CA ASN B 91 -29.03 5.94 -14.76
C ASN B 91 -27.72 5.12 -14.66
N VAL B 92 -26.56 5.81 -14.59
CA VAL B 92 -25.27 5.12 -14.63
C VAL B 92 -24.78 4.79 -13.22
N ASP B 93 -24.66 3.50 -12.91
CA ASP B 93 -24.17 3.02 -11.59
C ASP B 93 -22.65 2.84 -11.58
N GLY B 94 -22.11 2.39 -12.71
CA GLY B 94 -20.71 2.04 -12.83
C GLY B 94 -20.12 2.74 -14.02
N LEU B 95 -18.93 3.30 -13.84
CA LEU B 95 -18.20 3.98 -14.91
C LEU B 95 -16.74 3.61 -14.85
N LEU B 96 -16.19 3.20 -15.98
CA LEU B 96 -14.76 2.98 -16.09
C LEU B 96 -14.21 3.45 -17.42
N VAL B 97 -12.95 3.87 -17.37
CA VAL B 97 -12.19 4.27 -18.55
C VAL B 97 -11.15 3.20 -18.75
N GLN B 98 -11.19 2.53 -19.89
CA GLN B 98 -10.25 1.46 -20.20
C GLN B 98 -8.84 2.06 -20.39
N LEU B 99 -7.82 1.42 -19.78
CA LEU B 99 -6.42 1.86 -19.88
C LEU B 99 -5.73 0.89 -20.84
N PRO B 100 -4.72 1.30 -21.60
CA PRO B 100 -4.02 2.57 -21.45
C PRO B 100 -4.65 3.70 -22.29
N LEU B 101 -4.39 4.93 -21.88
CA LEU B 101 -4.85 6.13 -22.58
C LEU B 101 -3.73 6.68 -23.43
N PRO B 102 -4.04 7.52 -24.43
CA PRO B 102 -2.93 8.17 -25.18
C PRO B 102 -1.99 8.99 -24.28
N GLU B 103 -0.75 9.11 -24.74
CA GLU B 103 0.33 9.76 -23.98
C GLU B 103 0.07 11.21 -23.60
N HIS B 104 -0.67 11.95 -24.41
CA HIS B 104 -1.06 13.30 -24.01
C HIS B 104 -2.14 13.42 -22.94
N ILE B 105 -2.67 12.32 -22.45
CA ILE B 105 -3.71 12.37 -21.44
C ILE B 105 -3.08 11.83 -20.13
N ASP B 106 -3.27 12.57 -19.05
CA ASP B 106 -2.80 12.14 -17.74
C ASP B 106 -3.79 11.13 -17.14
N GLU B 107 -3.39 9.87 -17.08
CA GLU B 107 -4.25 8.79 -16.59
C GLU B 107 -4.69 9.01 -15.19
N ARG B 108 -3.81 9.55 -14.36
CA ARG B 108 -4.14 9.78 -12.97
C ARG B 108 -5.24 10.82 -12.81
N ARG B 109 -5.18 11.92 -13.57
CA ARG B 109 -6.28 12.90 -13.53
C ARG B 109 -7.61 12.30 -13.97
N ILE B 110 -7.56 11.40 -14.95
CA ILE B 110 -8.77 10.75 -15.47
C ILE B 110 -9.39 9.80 -14.43
N CYS B 111 -8.57 8.92 -13.83
CA CYS B 111 -9.02 7.99 -12.78
C CYS B 111 -9.64 8.74 -11.59
N ASN B 112 -9.08 9.91 -11.24
CA ASN B 112 -9.63 10.68 -10.11
C ASN B 112 -10.85 11.49 -10.50
N ALA B 113 -11.11 11.64 -11.80
CA ALA B 113 -12.33 12.30 -12.27
C ALA B 113 -13.60 11.45 -12.16
N VAL B 114 -13.50 10.12 -12.19
CA VAL B 114 -14.66 9.25 -12.04
C VAL B 114 -15.14 9.35 -10.60
N SER B 115 -16.44 9.54 -10.43
CA SER B 115 -17.01 9.65 -9.08
C SER B 115 -16.70 8.37 -8.31
N PRO B 116 -16.21 8.49 -7.04
CA PRO B 116 -15.80 7.29 -6.30
C PRO B 116 -16.90 6.25 -6.10
N ASP B 117 -18.14 6.69 -5.99
CA ASP B 117 -19.28 5.79 -5.92
C ASP B 117 -19.59 5.04 -7.26
N LYS B 118 -19.03 5.48 -8.38
CA LYS B 118 -19.18 4.78 -9.69
C LYS B 118 -17.91 4.10 -10.15
N ASP B 119 -16.89 4.18 -9.30
CA ASP B 119 -15.51 3.76 -9.61
C ASP B 119 -15.34 2.24 -9.43
N VAL B 120 -15.92 1.51 -10.37
CA VAL B 120 -15.92 0.05 -10.38
C VAL B 120 -14.53 -0.52 -10.65
N ASP B 121 -13.60 0.28 -11.18
CA ASP B 121 -12.20 -0.20 -11.30
C ASP B 121 -11.42 -0.14 -9.98
N GLY B 122 -11.88 0.69 -9.05
CA GLY B 122 -11.15 0.97 -7.81
C GLY B 122 -9.88 1.77 -7.95
N PHE B 123 -9.79 2.63 -8.98
CA PHE B 123 -8.56 3.35 -9.32
C PHE B 123 -8.52 4.79 -8.79
N HIS B 124 -9.64 5.31 -8.30
CA HIS B 124 -9.69 6.63 -7.73
C HIS B 124 -8.84 6.60 -6.43
N VAL B 125 -8.11 7.68 -6.19
CA VAL B 125 -7.17 7.80 -5.06
C VAL B 125 -7.83 7.46 -3.70
N ILE B 126 -9.07 7.84 -3.52
CA ILE B 126 -9.82 7.43 -2.34
C ILE B 126 -10.04 5.92 -2.19
N ASN B 127 -10.29 5.21 -3.30
CA ASN B 127 -10.39 3.75 -3.26
C ASN B 127 -9.03 3.12 -3.03
N VAL B 128 -7.97 3.72 -3.57
CA VAL B 128 -6.62 3.16 -3.40
C VAL B 128 -6.24 3.27 -1.92
N GLY B 129 -6.48 4.46 -1.34
CA GLY B 129 -6.13 4.68 0.08
C GLY B 129 -6.92 3.80 1.02
N ARG B 130 -8.23 3.71 0.76
CA ARG B 130 -9.09 2.83 1.56
C ARG B 130 -8.61 1.39 1.49
N MET B 131 -8.27 0.94 0.27
CA MET B 131 -7.81 -0.41 0.10
C MET B 131 -6.53 -0.63 0.88
N CYS B 132 -5.61 0.33 0.81
CA CYS B 132 -4.31 0.18 1.46
C CYS B 132 -4.45 0.27 2.99
N LEU B 133 -5.55 0.86 3.46
CA LEU B 133 -5.91 0.82 4.89
C LEU B 133 -6.79 -0.38 5.33
N ASP B 134 -6.99 -1.35 4.43
CA ASP B 134 -7.87 -2.50 4.71
C ASP B 134 -9.31 -2.11 5.06
N GLN B 135 -9.77 -1.00 4.53
CA GLN B 135 -11.15 -0.62 4.71
C GLN B 135 -12.02 -1.09 3.54
N TYR B 136 -13.33 -1.16 3.75
CA TYR B 136 -14.27 -1.47 2.67
C TYR B 136 -14.00 -0.56 1.49
N SER B 137 -13.84 -1.10 0.31
CA SER B 137 -13.61 -0.30 -0.88
C SER B 137 -14.02 -1.07 -2.14
N MET B 138 -14.11 -0.43 -3.30
CA MET B 138 -14.18 -1.13 -4.58
C MET B 138 -12.79 -1.67 -4.92
N LEU B 139 -12.63 -2.98 -4.86
CA LEU B 139 -11.37 -3.64 -5.12
C LEU B 139 -11.16 -3.69 -6.62
N PRO B 140 -9.92 -3.45 -7.04
CA PRO B 140 -9.64 -3.58 -8.46
C PRO B 140 -9.85 -5.00 -8.98
N ALA B 141 -10.35 -5.10 -10.23
CA ALA B 141 -10.88 -6.35 -10.72
C ALA B 141 -9.81 -7.41 -10.86
N THR B 142 -8.69 -7.09 -11.49
CA THR B 142 -7.67 -8.10 -11.67
C THR B 142 -7.08 -8.62 -10.32
N PRO B 143 -6.74 -7.72 -9.39
CA PRO B 143 -6.27 -8.24 -8.08
C PRO B 143 -7.29 -9.10 -7.34
N TRP B 144 -8.56 -8.68 -7.36
CA TRP B 144 -9.61 -9.42 -6.72
C TRP B 144 -9.80 -10.79 -7.41
N GLY B 145 -9.63 -10.82 -8.72
CA GLY B 145 -9.67 -12.07 -9.47
C GLY B 145 -8.58 -13.06 -9.05
N VAL B 146 -7.38 -12.55 -8.79
CA VAL B 146 -6.28 -13.36 -8.28
C VAL B 146 -6.61 -13.95 -6.92
N TRP B 147 -7.13 -13.11 -6.03
CA TRP B 147 -7.58 -13.58 -4.74
C TRP B 147 -8.61 -14.70 -4.87
N GLU B 148 -9.65 -14.47 -5.66
CA GLU B 148 -10.70 -15.49 -5.83
C GLU B 148 -10.17 -16.80 -6.42
N ILE B 149 -9.24 -16.76 -7.37
CA ILE B 149 -8.64 -18.02 -7.84
C ILE B 149 -8.00 -18.79 -6.69
N ILE B 150 -7.32 -18.08 -5.81
CA ILE B 150 -6.61 -18.73 -4.72
C ILE B 150 -7.59 -19.26 -3.70
N LYS B 151 -8.53 -18.43 -3.29
CA LYS B 151 -9.46 -18.85 -2.28
C LYS B 151 -10.45 -19.94 -2.71
N ARG B 152 -10.92 -19.88 -3.95
CA ARG B 152 -11.96 -20.82 -4.38
C ARG B 152 -11.30 -22.16 -4.73
N THR B 153 -10.02 -22.16 -5.08
CA THR B 153 -9.29 -23.40 -5.22
C THR B 153 -8.86 -23.99 -3.88
N GLY B 154 -9.13 -23.29 -2.78
CA GLY B 154 -8.74 -23.74 -1.45
C GLY B 154 -7.25 -23.74 -1.14
N ILE B 155 -6.45 -22.96 -1.87
CA ILE B 155 -5.05 -22.82 -1.58
C ILE B 155 -4.88 -21.92 -0.35
N PRO B 156 -4.23 -22.42 0.72
CA PRO B 156 -4.06 -21.59 1.92
C PRO B 156 -3.07 -20.40 1.77
N THR B 157 -3.33 -19.33 2.50
CA THR B 157 -2.46 -18.16 2.50
C THR B 157 -1.88 -17.77 3.89
N LEU B 158 -2.58 -18.09 4.97
CA LEU B 158 -2.19 -17.59 6.29
C LEU B 158 -0.91 -18.26 6.66
N GLY B 159 0.17 -17.49 6.81
CA GLY B 159 1.44 -18.03 7.27
C GLY B 159 2.32 -18.49 6.15
N LYS B 160 1.85 -18.37 4.92
CA LYS B 160 2.58 -18.87 3.76
C LYS B 160 3.38 -17.79 3.14
N ASN B 161 4.35 -18.22 2.34
CA ASN B 161 5.27 -17.36 1.65
C ASN B 161 4.74 -17.14 0.25
N VAL B 162 4.58 -15.88 -0.12
CA VAL B 162 4.10 -15.48 -1.44
C VAL B 162 5.08 -14.51 -2.06
N VAL B 163 5.40 -14.70 -3.34
CA VAL B 163 6.13 -13.76 -4.13
C VAL B 163 5.24 -13.21 -5.27
N VAL B 164 5.24 -11.88 -5.38
CA VAL B 164 4.59 -11.19 -6.47
C VAL B 164 5.64 -10.55 -7.32
N ALA B 165 5.57 -10.75 -8.63
CA ALA B 165 6.48 -10.13 -9.54
C ALA B 165 5.77 -9.05 -10.27
N GLY B 166 6.21 -7.81 -10.05
CA GLY B 166 5.57 -6.60 -10.58
C GLY B 166 5.05 -5.75 -9.44
N ARG B 167 5.08 -4.45 -9.64
CA ARG B 167 4.69 -3.51 -8.62
C ARG B 167 3.78 -2.45 -9.15
N SER B 168 3.10 -2.75 -10.25
CA SER B 168 2.22 -1.76 -10.85
C SER B 168 1.06 -1.42 -9.89
N LYS B 169 0.61 -0.19 -9.99
CA LYS B 169 -0.34 0.33 -9.05
C LYS B 169 -1.73 -0.29 -9.22
N ASN B 170 -2.04 -0.82 -10.41
CA ASN B 170 -3.35 -1.41 -10.70
C ASN B 170 -3.34 -2.90 -10.62
N VAL B 171 -2.16 -3.53 -10.57
CA VAL B 171 -2.09 -4.97 -10.56
C VAL B 171 -1.16 -5.53 -9.45
N GLY B 172 0.16 -5.47 -9.66
CA GLY B 172 1.12 -6.06 -8.70
C GLY B 172 1.00 -5.54 -7.25
N MET B 173 0.99 -4.22 -7.08
CA MET B 173 0.85 -3.61 -5.73
C MET B 173 -0.44 -4.05 -4.97
N PRO B 174 -1.65 -3.88 -5.57
CA PRO B 174 -2.86 -4.36 -4.85
C PRO B 174 -2.88 -5.85 -4.57
N ILE B 175 -2.30 -6.67 -5.44
CA ILE B 175 -2.21 -8.11 -5.16
C ILE B 175 -1.37 -8.36 -3.87
N ALA B 176 -0.22 -7.69 -3.78
CA ALA B 176 0.66 -7.77 -2.55
C ALA B 176 -0.06 -7.25 -1.34
N MET B 177 -0.84 -6.19 -1.53
CA MET B 177 -1.65 -5.64 -0.42
C MET B 177 -2.73 -6.61 0.07
N LEU B 178 -3.51 -7.21 -0.82
CA LEU B 178 -4.53 -8.16 -0.39
C LEU B 178 -3.94 -9.39 0.27
N LEU B 179 -2.84 -9.88 -0.26
CA LEU B 179 -2.30 -11.14 0.25
C LEU B 179 -1.60 -11.05 1.61
N HIS B 180 -0.96 -9.92 1.94
CA HIS B 180 -0.22 -9.80 3.26
C HIS B 180 -1.04 -9.37 4.43
N THR B 181 -2.21 -8.78 4.17
CA THR B 181 -2.93 -8.05 5.20
C THR B 181 -3.83 -8.91 6.10
N ASP B 182 -4.36 -8.29 7.13
CA ASP B 182 -4.95 -9.00 8.24
C ASP B 182 -6.34 -9.57 7.87
N GLY B 183 -6.53 -10.85 8.21
CA GLY B 183 -7.75 -11.57 7.95
C GLY B 183 -8.88 -11.02 8.76
N ALA B 184 -8.59 -10.40 9.90
CA ALA B 184 -9.63 -9.85 10.75
C ALA B 184 -10.04 -8.42 10.44
N HIS B 185 -9.47 -7.77 9.43
CA HIS B 185 -9.79 -6.35 9.21
C HIS B 185 -11.08 -6.23 8.41
N GLU B 186 -11.63 -5.03 8.37
CA GLU B 186 -12.87 -4.70 7.68
C GLU B 186 -12.92 -5.30 6.26
N ARG B 187 -11.86 -5.11 5.49
CA ARG B 187 -11.68 -5.83 4.26
C ARG B 187 -10.56 -6.85 4.53
N PRO B 188 -10.89 -8.15 4.57
CA PRO B 188 -9.90 -9.13 4.96
C PRO B 188 -8.78 -9.31 3.98
N GLY B 189 -7.60 -9.65 4.53
CA GLY B 189 -6.44 -10.02 3.73
C GLY B 189 -6.05 -11.48 3.91
N GLY B 190 -5.03 -11.92 3.20
CA GLY B 190 -4.60 -13.32 3.21
C GLY B 190 -3.62 -13.71 4.31
N ASP B 191 -3.19 -12.76 5.15
CA ASP B 191 -2.16 -13.01 6.18
C ASP B 191 -0.92 -13.78 5.69
N ALA B 192 -0.53 -13.61 4.44
CA ALA B 192 0.69 -14.24 3.96
C ALA B 192 1.94 -13.35 4.19
N THR B 193 3.09 -13.98 4.02
CA THR B 193 4.37 -13.33 4.04
C THR B 193 4.69 -13.07 2.58
N VAL B 194 4.70 -11.81 2.18
CA VAL B 194 4.74 -11.44 0.75
C VAL B 194 6.01 -10.67 0.41
N THR B 195 6.67 -11.10 -0.64
CA THR B 195 7.81 -10.42 -1.20
C THR B 195 7.32 -9.78 -2.49
N ILE B 196 7.65 -8.51 -2.71
CA ILE B 196 7.37 -7.85 -3.97
C ILE B 196 8.68 -7.62 -4.70
N SER B 197 8.67 -7.90 -6.01
CA SER B 197 9.83 -7.77 -6.87
C SER B 197 9.41 -7.00 -8.13
N HIS B 198 10.39 -6.52 -8.87
CA HIS B 198 10.15 -5.58 -9.94
C HIS B 198 11.36 -5.53 -10.84
N ARG B 199 11.32 -4.61 -11.80
CA ARG B 199 12.34 -4.46 -12.79
C ARG B 199 13.78 -4.35 -12.27
N TYR B 200 14.01 -3.94 -11.02
CA TYR B 200 15.39 -3.85 -10.51
C TYR B 200 15.73 -5.01 -9.63
N THR B 201 14.84 -5.99 -9.49
CA THR B 201 15.18 -7.19 -8.77
C THR B 201 16.04 -8.07 -9.71
N PRO B 202 17.31 -8.37 -9.33
CA PRO B 202 18.08 -9.30 -10.17
C PRO B 202 17.44 -10.68 -10.19
N LYS B 203 17.48 -11.33 -11.36
CA LYS B 203 16.95 -12.69 -11.57
C LYS B 203 17.36 -13.66 -10.45
N GLU B 204 18.64 -13.60 -10.07
CA GLU B 204 19.17 -14.46 -9.01
C GLU B 204 18.43 -14.25 -7.71
N GLN B 205 18.23 -12.99 -7.34
CA GLN B 205 17.44 -12.67 -6.12
C GLN B 205 15.97 -13.07 -6.22
N LEU B 206 15.37 -12.91 -7.40
CA LEU B 206 13.99 -13.36 -7.63
C LEU B 206 13.90 -14.86 -7.31
N LYS B 207 14.83 -15.62 -7.88
CA LYS B 207 14.85 -17.07 -7.66
C LYS B 207 15.03 -17.47 -6.21
N LYS B 208 15.91 -16.76 -5.50
CA LYS B 208 16.12 -17.05 -4.06
C LYS B 208 14.86 -16.81 -3.23
N HIS B 209 13.95 -15.94 -3.68
CA HIS B 209 12.68 -15.77 -2.98
C HIS B 209 11.56 -16.73 -3.51
N THR B 210 11.48 -16.91 -4.83
CA THR B 210 10.44 -17.83 -5.38
C THR B 210 10.66 -19.26 -4.95
N ILE B 211 11.92 -19.66 -4.88
CA ILE B 211 12.25 -21.00 -4.44
C ILE B 211 11.72 -21.28 -3.04
N LEU B 212 11.50 -20.25 -2.23
CA LEU B 212 10.86 -20.42 -0.90
C LEU B 212 9.35 -20.35 -0.89
N ALA B 213 8.76 -19.86 -1.99
CA ALA B 213 7.32 -19.50 -1.99
C ALA B 213 6.34 -20.69 -2.07
N ASP B 214 5.27 -20.64 -1.28
CA ASP B 214 4.09 -21.49 -1.51
C ASP B 214 3.20 -21.00 -2.68
N ILE B 215 3.24 -19.70 -3.00
CA ILE B 215 2.45 -19.12 -4.12
C ILE B 215 3.31 -18.07 -4.84
N VAL B 216 3.46 -18.22 -6.14
CA VAL B 216 4.16 -17.29 -6.99
C VAL B 216 3.11 -16.66 -7.93
N ILE B 217 3.06 -15.33 -7.96
CA ILE B 217 2.08 -14.58 -8.74
C ILE B 217 2.89 -13.72 -9.65
N SER B 218 2.81 -13.97 -10.94
CA SER B 218 3.54 -13.18 -11.84
C SER B 218 2.74 -12.19 -12.66
N ALA B 219 3.11 -10.90 -12.54
CA ALA B 219 2.37 -9.78 -13.09
C ALA B 219 3.34 -8.78 -13.67
N ALA B 220 4.27 -9.31 -14.47
CA ALA B 220 5.40 -8.56 -15.05
C ALA B 220 5.31 -8.32 -16.54
N GLY B 221 4.64 -9.19 -17.28
CA GLY B 221 4.50 -9.03 -18.75
C GLY B 221 5.75 -9.41 -19.51
N ILE B 222 6.33 -10.55 -19.13
CA ILE B 222 7.61 -11.04 -19.65
C ILE B 222 7.54 -12.57 -19.84
N PRO B 223 7.65 -13.05 -21.09
CA PRO B 223 7.56 -14.50 -21.34
C PRO B 223 8.66 -15.30 -20.67
N ASN B 224 8.28 -16.44 -20.11
CA ASN B 224 9.20 -17.32 -19.41
C ASN B 224 10.01 -16.70 -18.25
N LEU B 225 9.42 -15.74 -17.53
CA LEU B 225 10.03 -15.19 -16.32
C LEU B 225 10.17 -16.27 -15.25
N ILE B 226 9.12 -17.07 -15.10
CA ILE B 226 9.06 -18.13 -14.10
C ILE B 226 9.28 -19.49 -14.78
N THR B 227 10.35 -20.18 -14.40
CA THR B 227 10.70 -21.47 -14.96
C THR B 227 10.76 -22.46 -13.82
N ALA B 228 10.75 -23.75 -14.15
CA ALA B 228 10.57 -24.81 -13.15
C ALA B 228 11.58 -24.80 -12.01
N ASP B 229 12.82 -24.47 -12.37
CA ASP B 229 13.92 -24.36 -11.38
C ASP B 229 13.65 -23.30 -10.30
N MET B 230 12.89 -22.26 -10.64
CA MET B 230 12.55 -21.17 -9.68
C MET B 230 11.48 -21.53 -8.65
N ILE B 231 10.80 -22.67 -8.83
CA ILE B 231 9.62 -23.04 -8.07
C ILE B 231 9.84 -24.21 -7.14
N LYS B 232 9.32 -24.06 -5.93
CA LYS B 232 9.23 -25.16 -4.96
C LYS B 232 8.17 -26.19 -5.44
N GLU B 233 8.48 -27.47 -5.30
CA GLU B 233 7.57 -28.50 -5.77
C GLU B 233 6.28 -28.43 -4.97
N GLY B 234 5.14 -28.54 -5.68
CA GLY B 234 3.81 -28.45 -5.07
C GLY B 234 3.25 -27.03 -4.92
N ALA B 235 4.02 -26.01 -5.29
CA ALA B 235 3.59 -24.60 -5.14
C ALA B 235 2.45 -24.24 -6.11
N ALA B 236 1.61 -23.31 -5.70
CA ALA B 236 0.64 -22.64 -6.61
C ALA B 236 1.28 -21.52 -7.43
N VAL B 237 1.15 -21.56 -8.73
CA VAL B 237 1.73 -20.53 -9.61
C VAL B 237 0.57 -19.88 -10.36
N ILE B 238 0.37 -18.58 -10.11
CA ILE B 238 -0.70 -17.80 -10.73
C ILE B 238 -0.12 -16.82 -11.74
N ASP B 239 -0.60 -16.90 -12.97
CA ASP B 239 0.00 -16.16 -14.07
C ASP B 239 -0.91 -15.06 -14.61
N VAL B 240 -0.55 -13.82 -14.27
CA VAL B 240 -1.34 -12.66 -14.59
C VAL B 240 -0.92 -12.12 -15.95
N GLY B 241 0.27 -12.40 -16.42
CA GLY B 241 0.68 -11.92 -17.76
C GLY B 241 -0.16 -12.41 -18.94
N ILE B 242 -0.21 -11.58 -19.97
CA ILE B 242 -0.83 -11.88 -21.24
C ILE B 242 0.11 -11.25 -22.31
N ASN B 243 1.05 -12.04 -22.83
CA ASN B 243 2.05 -11.60 -23.78
C ASN B 243 1.76 -12.24 -25.17
N ARG B 244 1.98 -11.48 -26.26
CA ARG B 244 1.90 -11.99 -27.65
C ARG B 244 3.27 -12.39 -28.20
N VAL B 245 3.48 -13.67 -28.51
CA VAL B 245 4.77 -14.17 -29.02
C VAL B 245 4.61 -14.93 -30.37
N HIS B 246 5.66 -15.64 -30.83
CA HIS B 246 5.65 -16.38 -32.12
C HIS B 246 5.84 -17.91 -31.89
N ASP B 247 5.14 -18.74 -32.69
CA ASP B 247 5.21 -20.22 -32.57
C ASP B 247 5.59 -20.96 -33.89
N PRO B 248 6.43 -22.02 -33.79
CA PRO B 248 6.53 -23.02 -34.86
C PRO B 248 5.24 -23.30 -35.67
N LYS B 252 3.51 -18.98 -36.20
CA LYS B 252 2.38 -18.05 -36.08
C LYS B 252 2.28 -17.35 -34.70
N PRO B 253 1.54 -16.19 -34.64
CA PRO B 253 1.20 -15.50 -33.37
C PRO B 253 0.48 -16.39 -32.35
N LYS B 254 0.76 -16.13 -31.07
CA LYS B 254 0.35 -17.00 -29.96
C LYS B 254 0.28 -16.15 -28.67
N LEU B 255 -0.51 -16.59 -27.68
CA LEU B 255 -0.57 -15.89 -26.39
C LEU B 255 0.08 -16.75 -25.32
N VAL B 256 0.99 -16.16 -24.52
CA VAL B 256 1.50 -16.85 -23.35
C VAL B 256 1.49 -15.91 -22.16
N GLY B 257 1.61 -16.53 -20.99
CA GLY B 257 1.79 -15.79 -19.76
C GLY B 257 3.23 -15.39 -19.51
N ASP B 258 3.52 -15.18 -18.24
CA ASP B 258 4.88 -14.99 -17.74
C ASP B 258 5.56 -16.33 -17.40
N VAL B 259 4.74 -17.36 -17.27
CA VAL B 259 5.18 -18.66 -16.83
C VAL B 259 5.52 -19.51 -18.06
N ASP B 260 6.59 -20.29 -17.95
CA ASP B 260 6.88 -21.41 -18.85
C ASP B 260 5.89 -22.47 -18.47
N PHE B 261 4.76 -22.51 -19.19
CA PHE B 261 3.66 -23.35 -18.78
C PHE B 261 4.04 -24.85 -18.79
N GLU B 262 4.53 -25.30 -19.94
CA GLU B 262 4.88 -26.72 -20.08
C GLU B 262 5.89 -27.17 -19.03
N GLY B 263 6.95 -26.38 -18.86
CA GLY B 263 7.95 -26.64 -17.82
C GLY B 263 7.41 -26.67 -16.41
N VAL B 264 6.70 -25.61 -16.01
CA VAL B 264 6.32 -25.39 -14.58
C VAL B 264 5.21 -26.33 -14.13
N ARG B 265 4.35 -26.68 -15.07
CA ARG B 265 3.29 -27.66 -14.87
C ARG B 265 3.74 -29.01 -14.29
N GLN B 266 4.94 -29.44 -14.65
CA GLN B 266 5.52 -30.66 -14.08
C GLN B 266 5.91 -30.46 -12.60
N LYS B 267 6.46 -29.28 -12.30
CA LYS B 267 6.94 -28.96 -10.94
C LYS B 267 5.87 -28.52 -9.94
N ALA B 268 5.04 -27.55 -10.33
CA ALA B 268 4.01 -26.98 -9.44
C ALA B 268 2.92 -27.97 -9.03
N GLY B 269 2.26 -27.66 -7.94
CA GLY B 269 1.03 -28.35 -7.54
C GLY B 269 -0.24 -27.77 -8.19
N TYR B 270 -0.20 -26.49 -8.59
CA TYR B 270 -1.31 -25.81 -9.26
C TYR B 270 -0.72 -24.77 -10.16
N ILE B 271 -1.34 -24.56 -11.31
CA ILE B 271 -0.93 -23.52 -12.22
C ILE B 271 -2.15 -22.95 -12.96
N THR B 272 -2.08 -21.68 -13.39
CA THR B 272 -3.13 -21.08 -14.21
C THR B 272 -2.63 -20.98 -15.64
N PRO B 273 -3.48 -21.32 -16.62
CA PRO B 273 -3.07 -21.17 -18.02
C PRO B 273 -3.32 -19.78 -18.53
N VAL B 274 -2.76 -19.49 -19.69
CA VAL B 274 -3.01 -18.26 -20.37
C VAL B 274 -3.16 -18.65 -21.85
N PRO B 275 -4.27 -18.32 -22.52
CA PRO B 275 -5.42 -17.62 -21.96
C PRO B 275 -6.24 -18.49 -21.03
N GLY B 276 -7.39 -17.99 -20.59
CA GLY B 276 -8.32 -18.76 -19.80
C GLY B 276 -8.04 -18.86 -18.32
N GLY B 277 -7.05 -18.12 -17.80
CA GLY B 277 -6.80 -18.14 -16.35
C GLY B 277 -7.31 -16.93 -15.62
N VAL B 278 -6.43 -15.94 -15.45
CA VAL B 278 -6.76 -14.77 -14.69
C VAL B 278 -7.72 -13.84 -15.46
N GLY B 279 -7.55 -13.74 -16.77
CA GLY B 279 -8.40 -12.87 -17.64
C GLY B 279 -9.90 -12.90 -17.41
N PRO B 280 -10.50 -14.10 -17.52
CA PRO B 280 -11.93 -14.25 -17.29
C PRO B 280 -12.35 -13.89 -15.88
N MET B 281 -11.45 -14.04 -14.93
CA MET B 281 -11.71 -13.63 -13.54
C MET B 281 -11.75 -12.13 -13.43
N THR B 282 -10.86 -11.44 -14.17
CA THR B 282 -10.87 -9.97 -14.23
C THR B 282 -12.30 -9.48 -14.63
N VAL B 283 -12.83 -10.05 -15.69
CA VAL B 283 -14.17 -9.70 -16.17
C VAL B 283 -15.27 -10.01 -15.13
N ALA B 284 -15.15 -11.18 -14.53
CA ALA B 284 -16.15 -11.59 -13.55
C ALA B 284 -16.22 -10.68 -12.32
N MET B 285 -15.05 -10.29 -11.81
CA MET B 285 -15.04 -9.46 -10.58
C MET B 285 -15.55 -8.03 -10.84
N LEU B 286 -15.35 -7.55 -12.05
CA LEU B 286 -15.97 -6.27 -12.48
C LEU B 286 -17.52 -6.34 -12.39
N MET B 287 -18.10 -7.47 -12.80
CA MET B 287 -19.55 -7.68 -12.70
C MET B 287 -19.95 -7.55 -11.21
N LYS B 288 -19.17 -8.16 -10.32
CA LYS B 288 -19.44 -8.03 -8.85
C LYS B 288 -19.39 -6.59 -8.38
N ASN B 289 -18.36 -5.84 -8.81
CA ASN B 289 -18.26 -4.43 -8.42
C ASN B 289 -19.39 -3.62 -8.95
N THR B 290 -19.88 -4.01 -10.12
CA THR B 290 -20.97 -3.26 -10.73
C THR B 290 -22.27 -3.37 -9.94
N ILE B 291 -22.59 -4.59 -9.49
CA ILE B 291 -23.77 -4.79 -8.61
C ILE B 291 -23.58 -4.13 -7.22
N ILE B 292 -22.36 -4.16 -6.68
CA ILE B 292 -22.05 -3.40 -5.46
C ILE B 292 -22.29 -1.90 -5.66
N ALA B 293 -21.89 -1.34 -6.80
CA ALA B 293 -22.06 0.07 -7.04
C ALA B 293 -23.55 0.38 -7.13
N ALA B 294 -24.29 -0.45 -7.83
CA ALA B 294 -25.73 -0.17 -8.04
C ALA B 294 -26.51 -0.24 -6.71
N LYS B 295 -26.11 -1.14 -5.82
CA LYS B 295 -26.68 -1.21 -4.48
C LYS B 295 -26.32 -0.09 -3.49
N LYS B 296 -25.26 0.67 -3.80
CA LYS B 296 -24.84 1.82 -3.00
C LYS B 296 -24.40 1.45 -1.58
N VAL B 297 -23.96 0.20 -1.37
CA VAL B 297 -23.57 -0.22 -0.02
C VAL B 297 -22.34 0.52 0.53
N LEU B 298 -21.48 1.07 -0.33
CA LEU B 298 -20.49 2.06 0.09
C LEU B 298 -21.01 3.47 -0.24
C15 KUK C . 8.58 10.04 19.55
C17 KUK C . 10.63 9.38 20.91
C20 KUK C . 12.64 8.28 22.09
C21 KUK C . 12.25 7.64 23.41
C22 KUK C . 11.28 8.50 24.15
C28 KUK C . 13.68 7.31 21.57
N01 KUK C . -0.60 10.74 15.53
C02 KUK C . 0.60 10.04 15.72
N03 KUK C . 0.58 8.99 16.69
C04 KUK C . 1.76 8.28 16.98
N05 KUK C . 1.70 7.22 17.94
C06 KUK C . 2.95 8.56 16.25
N07 KUK C . 4.21 7.91 16.51
C08 KUK C . 5.05 8.62 17.43
O09 KUK C . 4.74 9.65 18.00
N10 KUK C . 6.28 7.94 17.61
C11 KUK C . 7.33 8.36 18.44
C12 KUK C . 8.20 7.37 18.92
N13 KUK C . 9.22 7.74 19.69
C14 KUK C . 9.43 9.03 19.99
C16 KUK C . 7.50 9.71 18.73
O18 KUK C . 10.82 10.51 21.32
N19 KUK C . 11.48 8.26 21.22
C23 KUK C . 10.79 7.78 25.40
N24 KUK C . 9.97 6.71 25.45
N25 KUK C . 9.77 6.41 26.72
N26 KUK C . 10.41 7.27 27.46
N27 KUK C . 11.06 8.12 26.66
O29 KUK C . 13.36 6.33 20.86
O30 KUK C . 14.88 7.50 21.86
C31 KUK C . 3.03 9.64 15.27
O32 KUK C . 4.08 9.92 14.72
N33 KUK C . 1.80 10.34 14.99
P PO4 D . -1.84 -6.30 12.45
O1 PO4 D . -3.09 -6.26 11.58
O2 PO4 D . -2.31 -6.03 13.82
O3 PO4 D . -1.09 -7.58 12.31
O4 PO4 D . -0.98 -5.13 12.02
P PO4 E . 0.90 9.84 32.85
O1 PO4 E . -0.47 9.90 32.21
O2 PO4 E . 0.78 9.58 34.34
O3 PO4 E . 1.69 8.73 32.21
O4 PO4 E . 1.57 11.20 32.65
P PO4 F . 31.27 4.76 14.11
O1 PO4 F . 29.88 4.84 14.70
O2 PO4 F . 31.23 5.17 12.66
O3 PO4 F . 31.77 3.33 14.27
O4 PO4 F . 32.19 5.69 14.87
PA NAD G . 1.06 -2.33 16.09
O1A NAD G . 0.63 -2.59 17.54
O2A NAD G . 0.04 -1.79 15.10
O5B NAD G . 1.51 -3.78 15.57
C5B NAD G . 2.82 -3.97 15.03
C4B NAD G . 2.97 -5.13 14.08
O4B NAD G . 3.74 -6.18 14.68
C3B NAD G . 1.70 -5.79 13.49
O3B NAD G . 1.71 -5.44 12.11
C2B NAD G . 1.92 -7.30 13.75
O2B NAD G . 1.38 -8.20 12.75
C1B NAD G . 3.45 -7.35 13.89
N9A NAD G . 4.02 -8.61 14.46
C8A NAD G . 3.65 -9.24 15.60
N7A NAD G . 4.42 -10.38 15.75
C5A NAD G . 5.30 -10.48 14.71
C6A NAD G . 6.39 -11.39 14.24
N6A NAD G . 6.71 -12.50 14.94
N1A NAD G . 7.05 -11.12 13.09
C2A NAD G . 6.75 -10.04 12.37
N3A NAD G . 5.79 -9.15 12.75
C4A NAD G . 5.03 -9.30 13.87
O3 NAD G . 2.46 -1.42 16.06
PN NAD G . 2.85 0.10 15.59
O1N NAD G . 2.49 1.08 16.70
O2N NAD G . 2.34 0.44 14.21
O5D NAD G . 4.47 0.18 15.51
C5D NAD G . 5.35 -0.94 15.62
C4D NAD G . 6.16 -0.89 16.90
O4D NAD G . 7.04 0.22 16.77
C3D NAD G . 5.42 -0.67 18.22
O3D NAD G . 5.13 -1.92 18.87
C2D NAD G . 6.33 0.21 19.07
O2D NAD G . 7.18 -0.56 19.99
C1D NAD G . 7.19 0.93 18.02
N1N NAD G . 6.99 2.32 17.55
C2N NAD G . 8.15 2.97 17.28
C3N NAD G . 8.28 4.27 16.76
C7N NAD G . 9.72 4.89 16.56
O7N NAD G . 10.87 4.23 16.76
N7N NAD G . 9.68 6.19 16.14
C4N NAD G . 7.04 4.88 16.49
C5N NAD G . 5.85 4.18 16.76
C6N NAD G . 5.82 2.89 17.28
C1 MPD H . 3.92 9.91 -12.34
C2 MPD H . 3.54 9.03 -11.13
O2 MPD H . 4.77 8.60 -10.58
CM MPD H . 2.85 9.78 -10.01
C3 MPD H . 2.70 7.85 -11.64
C4 MPD H . 2.33 6.78 -10.60
O4 MPD H . 0.99 7.00 -10.12
C5 MPD H . 2.34 5.36 -11.17
C1 MPD I . 12.03 13.73 0.44
C2 MPD I . 11.81 12.61 -0.56
O2 MPD I . 13.06 12.41 -1.21
CM MPD I . 10.70 13.02 -1.53
C3 MPD I . 11.58 11.33 0.22
C4 MPD I . 10.72 10.26 -0.41
O4 MPD I . 10.81 10.26 -1.85
C5 MPD I . 10.97 8.87 0.18
C1 MPD J . 1.99 14.74 33.27
C2 MPD J . 0.96 15.47 32.41
O2 MPD J . 0.49 16.66 33.02
CM MPD J . -0.32 14.63 32.22
C3 MPD J . 1.60 15.93 31.11
C4 MPD J . 2.33 14.89 30.23
O4 MPD J . 1.91 15.20 28.89
C5 MPD J . 3.86 14.87 30.23
C15 KUK K . -10.08 -8.91 -19.82
C17 KUK K . -9.64 -11.14 -20.90
C20 KUK K . -8.93 -13.35 -21.78
C21 KUK K . -8.79 -13.10 -23.26
C22 KUK K . -7.35 -13.00 -23.74
C28 KUK K . -8.01 -14.42 -21.21
N01 KUK K . -9.73 0.62 -16.65
C02 KUK K . -9.20 -0.67 -16.83
N03 KUK K . -8.22 -0.83 -17.86
C04 KUK K . -7.63 -2.09 -18.01
N05 KUK K . -6.65 -2.29 -18.97
C06 KUK K . -8.03 -3.17 -17.19
N07 KUK K . -7.48 -4.44 -17.37
C08 KUK K . -8.25 -5.34 -18.13
O09 KUK K . -9.27 -5.01 -18.66
N10 KUK K . -7.68 -6.64 -18.18
C11 KUK K . -8.28 -7.72 -18.87
C12 KUK K . -7.42 -8.76 -19.25
N13 KUK K . -7.91 -9.80 -19.86
C14 KUK K . -9.19 -9.89 -20.14
C16 KUK K . -9.64 -7.80 -19.13
O18 KUK K . -10.74 -11.31 -21.32
N19 KUK K . -8.61 -12.12 -21.10
C23 KUK K . -7.33 -12.35 -25.13
N24 KUK K . -6.23 -11.80 -25.73
N25 KUK K . -6.63 -11.31 -26.92
N26 KUK K . -7.92 -11.54 -27.07
N27 KUK K . -8.39 -12.17 -25.99
O29 KUK K . -6.94 -14.13 -20.58
O30 KUK K . -8.39 -15.60 -21.35
C31 KUK K . -9.02 -3.02 -16.15
O32 KUK K . -9.39 -3.91 -15.46
N33 KUK K . -9.59 -1.73 -15.97
P PO4 L . 7.31 0.32 -12.49
O1 PO4 L . 6.03 -0.38 -12.04
O2 PO4 L . 7.36 0.66 -13.93
O3 PO4 L . 8.49 -0.62 -12.22
O4 PO4 L . 7.45 1.69 -11.75
P PO4 M . -9.83 -2.54 -33.69
O1 PO4 M . -11.25 -3.01 -33.95
O2 PO4 M . -9.90 -1.16 -33.09
O3 PO4 M . -9.09 -3.44 -32.73
O4 PO4 M . -9.02 -2.50 -34.97
P PO4 N . -9.38 14.42 -4.97
O1 PO4 N . -10.15 13.49 -5.89
O2 PO4 N . -10.16 14.57 -3.68
O3 PO4 N . -7.99 13.89 -4.65
O4 PO4 N . -9.25 15.77 -5.62
PA NAD O . 3.37 -2.56 -16.14
O1A NAD O . 4.32 -2.57 -17.35
O2A NAD O . 2.98 -1.21 -15.59
O5B NAD O . 4.10 -3.39 -14.97
C5B NAD O . 5.09 -4.35 -15.22
C4B NAD O . 5.75 -4.56 -13.90
O4B NAD O . 6.67 -5.59 -14.14
C3B NAD O . 6.50 -3.32 -13.36
O3B NAD O . 6.09 -3.06 -12.02
C2B NAD O . 7.97 -3.74 -13.45
O2B NAD O . 8.84 -3.15 -12.44
C1B NAD O . 7.85 -5.28 -13.43
N9A NAD O . 9.02 -6.00 -13.97
C8A NAD O . 9.74 -5.72 -15.09
N7A NAD O . 10.78 -6.59 -15.20
C5A NAD O . 10.75 -7.43 -14.13
C6A NAD O . 11.50 -8.58 -13.62
N6A NAD O . 12.58 -9.00 -14.29
N1A NAD O . 11.12 -9.20 -12.47
C2A NAD O . 10.05 -8.80 -11.79
N3A NAD O . 9.29 -7.76 -12.21
C4A NAD O . 9.57 -7.05 -13.34
O3 NAD O . 2.01 -3.48 -16.40
PN NAD O . 1.10 -4.48 -15.42
O1N NAD O . -0.08 -3.74 -14.84
O2N NAD O . 1.94 -5.31 -14.47
O5D NAD O . 0.59 -5.58 -16.49
C5D NAD O . 1.59 -6.12 -17.35
C4D NAD O . 0.99 -7.23 -18.17
O4D NAD O . 0.03 -7.92 -17.35
C3D NAD O . 0.27 -6.64 -19.40
O3D NAD O . 1.10 -6.58 -20.57
C2D NAD O . -0.91 -7.56 -19.57
O2D NAD O . -0.63 -8.51 -20.60
C1D NAD O . -1.07 -8.26 -18.21
N1N NAD O . -2.36 -7.95 -17.58
C2N NAD O . -3.16 -9.00 -17.39
C3N NAD O . -4.42 -8.92 -16.81
C7N NAD O . -5.20 -10.26 -16.65
O7N NAD O . -4.63 -11.38 -16.79
N7N NAD O . -6.50 -10.17 -16.33
C4N NAD O . -4.85 -7.63 -16.41
C5N NAD O . -4.02 -6.53 -16.62
C6N NAD O . -2.76 -6.70 -17.21
C1 MPD P . -17.21 -4.99 0.08
C2 MPD P . -15.81 -5.43 -0.38
O2 MPD P . -14.77 -4.52 0.09
CM MPD P . -15.43 -6.68 0.34
C3 MPD P . -15.74 -5.80 -1.90
C4 MPD P . -15.60 -4.59 -2.85
O4 MPD P . -15.27 -4.77 -4.27
C5 MPD P . -16.84 -3.70 -2.74
C1 MPD Q . -24.83 10.61 -24.37
C2 MPD Q . -23.62 9.85 -23.81
O2 MPD Q . -22.36 10.37 -24.33
CM MPD Q . -23.61 9.88 -22.29
C3 MPD Q . -23.69 8.45 -24.34
C4 MPD Q . -24.72 7.55 -23.67
O4 MPD Q . -25.90 8.10 -23.15
C5 MPD Q . -25.17 6.56 -24.72
C1 MPD R . -30.20 -13.28 -19.91
C2 MPD R . -30.85 -12.44 -18.80
O2 MPD R . -30.51 -11.07 -19.00
CM MPD R . -30.29 -12.81 -17.44
C3 MPD R . -32.39 -12.56 -18.83
C4 MPD R . -33.20 -11.64 -17.88
O4 MPD R . -33.22 -10.30 -18.40
C5 MPD R . -34.65 -12.08 -17.71
C1 MPD S . -13.84 -8.89 0.91
C2 MPD S . -13.56 -10.22 0.25
O2 MPD S . -13.53 -11.22 1.26
CM MPD S . -14.67 -10.59 -0.70
C3 MPD S . -12.25 -10.26 -0.50
C4 MPD S . -11.15 -9.38 0.07
O4 MPD S . -11.21 -9.33 1.47
C5 MPD S . -9.81 -9.90 -0.33
H11 MPD S . -12.99 -8.58 1.45
H12 MPD S . -14.66 -9.00 1.57
H13 MPD S . -14.08 -8.17 0.17
HO2 MPD S . -12.97 -10.93 1.98
HM1 MPD S . -14.51 -10.11 -1.63
HM2 MPD S . -15.60 -10.30 -0.29
HM3 MPD S . -14.66 -11.64 -0.85
H31 MPD S . -11.88 -11.29 -0.52
H32 MPD S . -12.43 -9.95 -1.53
H4 MPD S . -11.27 -8.37 -0.34
HO4 MPD S . -10.96 -10.18 1.84
H51 MPD S . -9.67 -9.74 -1.37
H52 MPD S . -9.75 -10.94 -0.11
H53 MPD S . -9.05 -9.39 0.21
#